data_5BZ9
# 
_entry.id   5BZ9 
# 
_audit_conform.dict_name       mmcif_pdbx.dic 
_audit_conform.dict_version    5.379 
_audit_conform.dict_location   http://mmcif.pdb.org/dictionaries/ascii/mmcif_pdbx.dic 
# 
loop_
_database_2.database_id 
_database_2.database_code 
_database_2.pdbx_database_accession 
_database_2.pdbx_DOI 
PDB   5BZ9         pdb_00005bz9 10.2210/pdb5bz9/pdb 
WWPDB D_1000210819 ?            ?                   
# 
loop_
_pdbx_database_related.db_name 
_pdbx_database_related.details 
_pdbx_database_related.db_id 
_pdbx_database_related.content_type 
PDB . 5BXW unspecified 
PDB . 5BZ7 unspecified 
PDB . 5BZY unspecified 
# 
_pdbx_database_status.status_code                     REL 
_pdbx_database_status.status_code_sf                  REL 
_pdbx_database_status.status_code_mr                  ? 
_pdbx_database_status.entry_id                        5BZ9 
_pdbx_database_status.recvd_initial_deposition_date   2015-06-11 
_pdbx_database_status.SG_entry                        N 
_pdbx_database_status.deposit_site                    RCSB 
_pdbx_database_status.process_site                    RCSB 
_pdbx_database_status.status_code_cs                  ? 
_pdbx_database_status.methods_development_category    ? 
_pdbx_database_status.pdb_format_compatible           Y 
_pdbx_database_status.status_code_nmr_data            ? 
# 
loop_
_audit_author.name 
_audit_author.pdbx_ordinal 
'Saoji, M.'        1 
'Paukstelis, P.J.' 2 
# 
_citation.abstract                  ? 
_citation.abstract_id_CAS           ? 
_citation.book_id_ISBN              ? 
_citation.book_publisher            ? 
_citation.book_publisher_city       ? 
_citation.book_title                ? 
_citation.coordinate_linkage        ? 
_citation.country                   US 
_citation.database_id_Medline       ? 
_citation.details                   ? 
_citation.id                        primary 
_citation.journal_abbrev            'Acta Crystallogr.,Sect.D' 
_citation.journal_id_ASTM           ABCRE6 
_citation.journal_id_CSD            ? 
_citation.journal_id_ISSN           1399-0047 
_citation.journal_full              ? 
_citation.journal_issue             ? 
_citation.journal_volume            71 
_citation.language                  ? 
_citation.page_first                2471 
_citation.page_last                 2478 
_citation.title                     'Sequence-dependent structural changes in a self-assembling DNA oligonucleotide.' 
_citation.year                      2015 
_citation.database_id_CSD           ? 
_citation.pdbx_database_id_DOI      10.1107/S1399004715019598 
_citation.pdbx_database_id_PubMed   26627654 
_citation.unpublished_flag          ? 
# 
loop_
_citation_author.citation_id 
_citation_author.name 
_citation_author.ordinal 
_citation_author.identifier_ORCID 
primary 'Saoji, M.'        1 ? 
primary 'Paukstelis, P.J.' 2 ? 
# 
_cell.angle_alpha                  90.00 
_cell.angle_alpha_esd              ? 
_cell.angle_beta                   90.00 
_cell.angle_beta_esd               ? 
_cell.angle_gamma                  120.00 
_cell.angle_gamma_esd              ? 
_cell.entry_id                     5BZ9 
_cell.details                      ? 
_cell.formula_units_Z              ? 
_cell.length_a                     25.989 
_cell.length_a_esd                 ? 
_cell.length_b                     25.989 
_cell.length_b_esd                 ? 
_cell.length_c                     121.531 
_cell.length_c_esd                 ? 
_cell.volume                       ? 
_cell.volume_esd                   ? 
_cell.Z_PDB                        6 
_cell.reciprocal_angle_alpha       ? 
_cell.reciprocal_angle_beta        ? 
_cell.reciprocal_angle_gamma       ? 
_cell.reciprocal_angle_alpha_esd   ? 
_cell.reciprocal_angle_beta_esd    ? 
_cell.reciprocal_angle_gamma_esd   ? 
_cell.reciprocal_length_a          ? 
_cell.reciprocal_length_b          ? 
_cell.reciprocal_length_c          ? 
_cell.reciprocal_length_a_esd      ? 
_cell.reciprocal_length_b_esd      ? 
_cell.reciprocal_length_c_esd      ? 
_cell.pdbx_unique_axis             ? 
# 
_symmetry.entry_id                         5BZ9 
_symmetry.cell_setting                     ? 
_symmetry.Int_Tables_number                152 
_symmetry.space_group_name_Hall            ? 
_symmetry.space_group_name_H-M             'P 31 2 1' 
_symmetry.pdbx_full_space_group_name_H-M   ? 
# 
loop_
_entity.id 
_entity.type 
_entity.src_method 
_entity.pdbx_description 
_entity.formula_weight 
_entity.pdbx_number_of_molecules 
_entity.pdbx_ec 
_entity.pdbx_mutation 
_entity.pdbx_fragment 
_entity.details 
1 polymer     syn 
;DNA (5'-D(GGAAACGTTGGAGA)
;
4393.879 1  ? ? ? ? 
2 non-polymer syn 'MAGNESIUM ION'             24.305   2  ? ? ? ? 
3 water       nat water                       18.015   13 ? ? ? ? 
# 
_entity_poly.entity_id                      1 
_entity_poly.type                           polydeoxyribonucleotide 
_entity_poly.nstd_linkage                   no 
_entity_poly.nstd_monomer                   no 
_entity_poly.pdbx_seq_one_letter_code       '(DG)(DG)(DA)(DA)(DA)(DC)(DG)(DT)(DT)(DG)(DG)(DA)(DG)(DA)' 
_entity_poly.pdbx_seq_one_letter_code_can   GGAAACGTTGGAGA 
_entity_poly.pdbx_strand_id                 A 
_entity_poly.pdbx_target_identifier         ? 
# 
loop_
_entity_poly_seq.entity_id 
_entity_poly_seq.num 
_entity_poly_seq.mon_id 
_entity_poly_seq.hetero 
1 1  DG n 
1 2  DG n 
1 3  DA n 
1 4  DA n 
1 5  DA n 
1 6  DC n 
1 7  DG n 
1 8  DT n 
1 9  DT n 
1 10 DG n 
1 11 DG n 
1 12 DA n 
1 13 DG n 
1 14 DA n 
# 
_pdbx_entity_src_syn.entity_id              1 
_pdbx_entity_src_syn.pdbx_src_id            1 
_pdbx_entity_src_syn.pdbx_alt_source_flag   sample 
_pdbx_entity_src_syn.pdbx_beg_seq_num       1 
_pdbx_entity_src_syn.pdbx_end_seq_num       14 
_pdbx_entity_src_syn.organism_scientific    'synthetic construct' 
_pdbx_entity_src_syn.organism_common_name   ? 
_pdbx_entity_src_syn.ncbi_taxonomy_id       32630 
_pdbx_entity_src_syn.details                ? 
# 
_struct_ref.id                         1 
_struct_ref.db_name                    PDB 
_struct_ref.db_code                    5BZ9 
_struct_ref.pdbx_db_accession          5BZ9 
_struct_ref.pdbx_db_isoform            ? 
_struct_ref.entity_id                  1 
_struct_ref.pdbx_seq_one_letter_code   ? 
_struct_ref.pdbx_align_begin           1 
# 
_struct_ref_seq.align_id                      1 
_struct_ref_seq.ref_id                        1 
_struct_ref_seq.pdbx_PDB_id_code              5BZ9 
_struct_ref_seq.pdbx_strand_id                A 
_struct_ref_seq.seq_align_beg                 1 
_struct_ref_seq.pdbx_seq_align_beg_ins_code   ? 
_struct_ref_seq.seq_align_end                 13 
_struct_ref_seq.pdbx_seq_align_end_ins_code   ? 
_struct_ref_seq.pdbx_db_accession             5BZ9 
_struct_ref_seq.db_align_beg                  1 
_struct_ref_seq.pdbx_db_align_beg_ins_code    ? 
_struct_ref_seq.db_align_end                  13 
_struct_ref_seq.pdbx_db_align_end_ins_code    ? 
_struct_ref_seq.pdbx_auth_seq_align_beg       1 
_struct_ref_seq.pdbx_auth_seq_align_end       13 
# 
loop_
_chem_comp.id 
_chem_comp.type 
_chem_comp.mon_nstd_flag 
_chem_comp.name 
_chem_comp.pdbx_synonyms 
_chem_comp.formula 
_chem_comp.formula_weight 
DA  'DNA linking' y "2'-DEOXYADENOSINE-5'-MONOPHOSPHATE" ? 'C10 H14 N5 O6 P' 331.222 
DC  'DNA linking' y "2'-DEOXYCYTIDINE-5'-MONOPHOSPHATE"  ? 'C9 H14 N3 O7 P'  307.197 
DG  'DNA linking' y "2'-DEOXYGUANOSINE-5'-MONOPHOSPHATE" ? 'C10 H14 N5 O7 P' 347.221 
DT  'DNA linking' y "THYMIDINE-5'-MONOPHOSPHATE"         ? 'C10 H15 N2 O8 P' 322.208 
HOH non-polymer   . WATER                                ? 'H2 O'            18.015  
MG  non-polymer   . 'MAGNESIUM ION'                      ? 'Mg 2'            24.305  
# 
_exptl.absorpt_coefficient_mu     ? 
_exptl.absorpt_correction_T_max   ? 
_exptl.absorpt_correction_T_min   ? 
_exptl.absorpt_correction_type    ? 
_exptl.absorpt_process_details    ? 
_exptl.entry_id                   5BZ9 
_exptl.crystals_number            ? 
_exptl.details                    ? 
_exptl.method                     'X-RAY DIFFRACTION' 
_exptl.method_details             ? 
# 
_exptl_crystal.colour                      ? 
_exptl_crystal.density_diffrn              ? 
_exptl_crystal.density_Matthews            2.65 
_exptl_crystal.density_method              ? 
_exptl_crystal.density_percent_sol         53.50 
_exptl_crystal.description                 ? 
_exptl_crystal.F_000                       ? 
_exptl_crystal.id                          1 
_exptl_crystal.preparation                 ? 
_exptl_crystal.size_max                    ? 
_exptl_crystal.size_mid                    ? 
_exptl_crystal.size_min                    ? 
_exptl_crystal.size_rad                    ? 
_exptl_crystal.colour_lustre               ? 
_exptl_crystal.colour_modifier             ? 
_exptl_crystal.colour_primary              ? 
_exptl_crystal.density_meas                ? 
_exptl_crystal.density_meas_esd            ? 
_exptl_crystal.density_meas_gt             ? 
_exptl_crystal.density_meas_lt             ? 
_exptl_crystal.density_meas_temp           ? 
_exptl_crystal.density_meas_temp_esd       ? 
_exptl_crystal.density_meas_temp_gt        ? 
_exptl_crystal.density_meas_temp_lt        ? 
_exptl_crystal.pdbx_crystal_image_url      ? 
_exptl_crystal.pdbx_crystal_image_format   ? 
_exptl_crystal.pdbx_mosaicity              ? 
_exptl_crystal.pdbx_mosaicity_esd          ? 
# 
_exptl_crystal_grow.apparatus       ? 
_exptl_crystal_grow.atmosphere      ? 
_exptl_crystal_grow.crystal_id      1 
_exptl_crystal_grow.details         ? 
_exptl_crystal_grow.method          'VAPOR DIFFUSION, SITTING DROP' 
_exptl_crystal_grow.method_ref      ? 
_exptl_crystal_grow.pH              ? 
_exptl_crystal_grow.pressure        ? 
_exptl_crystal_grow.pressure_esd    ? 
_exptl_crystal_grow.seeding         ? 
_exptl_crystal_grow.seeding_ref     ? 
_exptl_crystal_grow.temp            296.15 
_exptl_crystal_grow.temp_details    ? 
_exptl_crystal_grow.temp_esd        ? 
_exptl_crystal_grow.time            ? 
_exptl_crystal_grow.pdbx_details    
;120mM Magnesium Formate
50mM Lithium Chloride
10% MPD
;
_exptl_crystal_grow.pdbx_pH_range   ? 
# 
_diffrn.ambient_environment    ? 
_diffrn.ambient_temp           77.15 
_diffrn.ambient_temp_details   ? 
_diffrn.ambient_temp_esd       ? 
_diffrn.crystal_id             1 
_diffrn.crystal_support        ? 
_diffrn.crystal_treatment      ? 
_diffrn.details                ? 
_diffrn.id                     1 
_diffrn.ambient_pressure       ? 
_diffrn.ambient_pressure_esd   ? 
_diffrn.ambient_pressure_gt    ? 
_diffrn.ambient_pressure_lt    ? 
_diffrn.ambient_temp_gt        ? 
_diffrn.ambient_temp_lt        ? 
# 
_diffrn_detector.details                      ? 
_diffrn_detector.detector                     PIXEL 
_diffrn_detector.diffrn_id                    1 
_diffrn_detector.type                         'PSI PILATUS 6M' 
_diffrn_detector.area_resol_mean              ? 
_diffrn_detector.dtime                        ? 
_diffrn_detector.pdbx_frames_total            ? 
_diffrn_detector.pdbx_collection_time_total   ? 
_diffrn_detector.pdbx_collection_date         2014-06-29 
# 
_diffrn_radiation.collimation                      ? 
_diffrn_radiation.diffrn_id                        1 
_diffrn_radiation.filter_edge                      ? 
_diffrn_radiation.inhomogeneity                    ? 
_diffrn_radiation.monochromator                    'Si(111)' 
_diffrn_radiation.polarisn_norm                    ? 
_diffrn_radiation.polarisn_ratio                   ? 
_diffrn_radiation.probe                            ? 
_diffrn_radiation.type                             ? 
_diffrn_radiation.xray_symbol                      ? 
_diffrn_radiation.wavelength_id                    1 
_diffrn_radiation.pdbx_monochromatic_or_laue_m_l   M 
_diffrn_radiation.pdbx_wavelength_list             ? 
_diffrn_radiation.pdbx_wavelength                  ? 
_diffrn_radiation.pdbx_diffrn_protocol             'SINGLE WAVELENGTH' 
_diffrn_radiation.pdbx_analyzer                    ? 
_diffrn_radiation.pdbx_scattering_type             x-ray 
# 
_diffrn_radiation_wavelength.id           1 
_diffrn_radiation_wavelength.wavelength   0.979200 
_diffrn_radiation_wavelength.wt           1.0 
# 
_diffrn_source.current                     ? 
_diffrn_source.details                     ? 
_diffrn_source.diffrn_id                   1 
_diffrn_source.power                       ? 
_diffrn_source.size                        ? 
_diffrn_source.source                      SYNCHROTRON 
_diffrn_source.target                      ? 
_diffrn_source.type                        'APS BEAMLINE 24-ID-C' 
_diffrn_source.voltage                     ? 
_diffrn_source.take-off_angle              ? 
_diffrn_source.pdbx_wavelength_list        0.979200 
_diffrn_source.pdbx_wavelength             ? 
_diffrn_source.pdbx_synchrotron_beamline   24-ID-C 
_diffrn_source.pdbx_synchrotron_site       APS 
# 
_reflns.B_iso_Wilson_estimate            ? 
_reflns.entry_id                         5BZ9 
_reflns.data_reduction_details           ? 
_reflns.data_reduction_method            ? 
_reflns.d_resolution_high                2.1 
_reflns.d_resolution_low                 22.51 
_reflns.details                          ? 
_reflns.limit_h_max                      ? 
_reflns.limit_h_min                      ? 
_reflns.limit_k_max                      ? 
_reflns.limit_k_min                      ? 
_reflns.limit_l_max                      ? 
_reflns.limit_l_min                      ? 
_reflns.number_all                       ? 
_reflns.number_obs                       3035 
_reflns.observed_criterion               ? 
_reflns.observed_criterion_F_max         ? 
_reflns.observed_criterion_F_min         ? 
_reflns.observed_criterion_I_max         ? 
_reflns.observed_criterion_I_min         ? 
_reflns.observed_criterion_sigma_F       ? 
_reflns.observed_criterion_sigma_I       ? 
_reflns.percent_possible_obs             97.8 
_reflns.R_free_details                   ? 
_reflns.Rmerge_F_all                     ? 
_reflns.Rmerge_F_obs                     ? 
_reflns.Friedel_coverage                 ? 
_reflns.number_gt                        ? 
_reflns.threshold_expression             ? 
_reflns.pdbx_redundancy                  10.6 
_reflns.pdbx_Rmerge_I_obs                0.138 
_reflns.pdbx_Rmerge_I_all                ? 
_reflns.pdbx_Rsym_value                  ? 
_reflns.pdbx_netI_over_av_sigmaI         ? 
_reflns.pdbx_netI_over_sigmaI            16.3 
_reflns.pdbx_res_netI_over_av_sigmaI_2   ? 
_reflns.pdbx_res_netI_over_sigmaI_2      ? 
_reflns.pdbx_chi_squared                 ? 
_reflns.pdbx_scaling_rejects             ? 
_reflns.pdbx_d_res_high_opt              ? 
_reflns.pdbx_d_res_low_opt               ? 
_reflns.pdbx_d_res_opt_method            ? 
_reflns.phase_calculation_details        ? 
_reflns.pdbx_Rrim_I_all                  ? 
_reflns.pdbx_Rpim_I_all                  ? 
_reflns.pdbx_d_opt                       ? 
_reflns.pdbx_number_measured_all         ? 
_reflns.pdbx_diffrn_id                   1 
_reflns.pdbx_ordinal                     1 
_reflns.pdbx_CC_half                     ? 
_reflns.pdbx_R_split                     ? 
# 
_reflns_shell.d_res_high                  2.10 
_reflns_shell.d_res_low                   2.17 
_reflns_shell.meanI_over_sigI_all         ? 
_reflns_shell.meanI_over_sigI_obs         3.0 
_reflns_shell.number_measured_all         ? 
_reflns_shell.number_measured_obs         ? 
_reflns_shell.number_possible             ? 
_reflns_shell.number_unique_all           ? 
_reflns_shell.number_unique_obs           ? 
_reflns_shell.percent_possible_all        97.4 
_reflns_shell.percent_possible_obs        ? 
_reflns_shell.Rmerge_F_all                ? 
_reflns_shell.Rmerge_F_obs                ? 
_reflns_shell.Rmerge_I_all                ? 
_reflns_shell.Rmerge_I_obs                0.244 
_reflns_shell.meanI_over_sigI_gt          ? 
_reflns_shell.meanI_over_uI_all           ? 
_reflns_shell.meanI_over_uI_gt            ? 
_reflns_shell.number_measured_gt          ? 
_reflns_shell.number_unique_gt            ? 
_reflns_shell.percent_possible_gt         ? 
_reflns_shell.Rmerge_F_gt                 ? 
_reflns_shell.Rmerge_I_gt                 ? 
_reflns_shell.pdbx_redundancy             3.0 
_reflns_shell.pdbx_Rsym_value             ? 
_reflns_shell.pdbx_chi_squared            ? 
_reflns_shell.pdbx_netI_over_sigmaI_all   ? 
_reflns_shell.pdbx_netI_over_sigmaI_obs   ? 
_reflns_shell.pdbx_Rrim_I_all             ? 
_reflns_shell.pdbx_Rpim_I_all             ? 
_reflns_shell.pdbx_rejects                ? 
_reflns_shell.pdbx_ordinal                1 
_reflns_shell.pdbx_diffrn_id              1 
_reflns_shell.pdbx_CC_half                ? 
_reflns_shell.pdbx_R_split                ? 
# 
_refine.aniso_B[1][1]                            0.04 
_refine.aniso_B[1][2]                            0.02 
_refine.aniso_B[1][3]                            0.00 
_refine.aniso_B[2][2]                            0.04 
_refine.aniso_B[2][3]                            -0.00 
_refine.aniso_B[3][3]                            -0.14 
_refine.B_iso_max                                ? 
_refine.B_iso_mean                               53.965 
_refine.B_iso_min                                ? 
_refine.correlation_coeff_Fo_to_Fc               0.948 
_refine.correlation_coeff_Fo_to_Fc_free          0.922 
_refine.details                                  'HYDROGENS HAVE BEEN ADDED IN THE RIDING POSITIONS' 
_refine.diff_density_max                         ? 
_refine.diff_density_max_esd                     ? 
_refine.diff_density_min                         ? 
_refine.diff_density_min_esd                     ? 
_refine.diff_density_rms                         ? 
_refine.diff_density_rms_esd                     ? 
_refine.entry_id                                 5BZ9 
_refine.pdbx_refine_id                           'X-RAY DIFFRACTION' 
_refine.ls_abs_structure_details                 ? 
_refine.ls_abs_structure_Flack                   ? 
_refine.ls_abs_structure_Flack_esd               ? 
_refine.ls_abs_structure_Rogers                  ? 
_refine.ls_abs_structure_Rogers_esd              ? 
_refine.ls_d_res_high                            2.10 
_refine.ls_d_res_low                             40.51 
_refine.ls_extinction_coef                       ? 
_refine.ls_extinction_coef_esd                   ? 
_refine.ls_extinction_expression                 ? 
_refine.ls_extinction_method                     ? 
_refine.ls_goodness_of_fit_all                   ? 
_refine.ls_goodness_of_fit_all_esd               ? 
_refine.ls_goodness_of_fit_obs                   ? 
_refine.ls_goodness_of_fit_obs_esd               ? 
_refine.ls_hydrogen_treatment                    ? 
_refine.ls_matrix_type                           ? 
_refine.ls_number_constraints                    ? 
_refine.ls_number_parameters                     ? 
_refine.ls_number_reflns_all                     ? 
_refine.ls_number_reflns_obs                     2716 
_refine.ls_number_reflns_R_free                  301 
_refine.ls_number_reflns_R_work                  ? 
_refine.ls_number_restraints                     ? 
_refine.ls_percent_reflns_obs                    95.81 
_refine.ls_percent_reflns_R_free                 10.0 
_refine.ls_R_factor_all                          ? 
_refine.ls_R_factor_obs                          0.27493 
_refine.ls_R_factor_R_free                       0.31152 
_refine.ls_R_factor_R_free_error                 ? 
_refine.ls_R_factor_R_free_error_details         ? 
_refine.ls_R_factor_R_work                       0.27086 
_refine.ls_R_Fsqd_factor_obs                     ? 
_refine.ls_R_I_factor_obs                        ? 
_refine.ls_redundancy_reflns_all                 ? 
_refine.ls_redundancy_reflns_obs                 ? 
_refine.ls_restrained_S_all                      ? 
_refine.ls_restrained_S_obs                      ? 
_refine.ls_shift_over_esd_max                    ? 
_refine.ls_shift_over_esd_mean                   ? 
_refine.ls_structure_factor_coef                 ? 
_refine.ls_weighting_details                     ? 
_refine.ls_weighting_scheme                      ? 
_refine.ls_wR_factor_all                         ? 
_refine.ls_wR_factor_obs                         ? 
_refine.ls_wR_factor_R_free                      ? 
_refine.ls_wR_factor_R_work                      ? 
_refine.occupancy_max                            ? 
_refine.occupancy_min                            ? 
_refine.solvent_model_details                    MASK 
_refine.solvent_model_param_bsol                 ? 
_refine.solvent_model_param_ksol                 ? 
_refine.ls_R_factor_gt                           ? 
_refine.ls_goodness_of_fit_gt                    ? 
_refine.ls_goodness_of_fit_ref                   ? 
_refine.ls_shift_over_su_max                     ? 
_refine.ls_shift_over_su_max_lt                  ? 
_refine.ls_shift_over_su_mean                    ? 
_refine.ls_shift_over_su_mean_lt                 ? 
_refine.pdbx_ls_sigma_I                          ? 
_refine.pdbx_ls_sigma_F                          ? 
_refine.pdbx_ls_sigma_Fsqd                       ? 
_refine.pdbx_data_cutoff_high_absF               ? 
_refine.pdbx_data_cutoff_high_rms_absF           ? 
_refine.pdbx_data_cutoff_low_absF                ? 
_refine.pdbx_isotropic_thermal_model             ? 
_refine.pdbx_ls_cross_valid_method               THROUGHOUT 
_refine.pdbx_method_to_determine_struct          'MOLECULAR REPLACEMENT' 
_refine.pdbx_starting_model                      5BXW 
_refine.pdbx_stereochemistry_target_values       'MAXIMUM LIKELIHOOD' 
_refine.pdbx_R_Free_selection_details            RANDOM 
_refine.pdbx_stereochem_target_val_spec_case     ? 
_refine.pdbx_overall_ESU_R                       0.272 
_refine.pdbx_overall_ESU_R_Free                  0.232 
_refine.pdbx_solvent_vdw_probe_radii             1.00 
_refine.pdbx_solvent_ion_probe_radii             0.70 
_refine.pdbx_solvent_shrinkage_radii             0.70 
_refine.pdbx_real_space_R                        ? 
_refine.pdbx_density_correlation                 ? 
_refine.pdbx_pd_number_of_powder_patterns        ? 
_refine.pdbx_pd_number_of_points                 ? 
_refine.pdbx_pd_meas_number_of_points            ? 
_refine.pdbx_pd_proc_ls_prof_R_factor            ? 
_refine.pdbx_pd_proc_ls_prof_wR_factor           ? 
_refine.pdbx_pd_Marquardt_correlation_coeff      ? 
_refine.pdbx_pd_Fsqrd_R_factor                   ? 
_refine.pdbx_pd_ls_matrix_band_width             ? 
_refine.pdbx_overall_phase_error                 ? 
_refine.pdbx_overall_SU_R_free_Cruickshank_DPI   ? 
_refine.pdbx_overall_SU_R_free_Blow_DPI          ? 
_refine.pdbx_overall_SU_R_Blow_DPI               ? 
_refine.pdbx_TLS_residual_ADP_flag               ? 
_refine.pdbx_diffrn_id                           1 
_refine.overall_SU_B                             10.375 
_refine.overall_SU_ML                            0.241 
_refine.overall_SU_R_Cruickshank_DPI             ? 
_refine.overall_SU_R_free                        ? 
_refine.overall_FOM_free_R_set                   ? 
_refine.overall_FOM_work_R_set                   ? 
_refine.pdbx_average_fsc_overall                 ? 
_refine.pdbx_average_fsc_work                    ? 
_refine.pdbx_average_fsc_free                    ? 
# 
_refine_hist.pdbx_refine_id                   'X-RAY DIFFRACTION' 
_refine_hist.cycle_id                         1 
_refine_hist.pdbx_number_atoms_protein        0 
_refine_hist.pdbx_number_atoms_nucleic_acid   293 
_refine_hist.pdbx_number_atoms_ligand         2 
_refine_hist.number_atoms_solvent             13 
_refine_hist.number_atoms_total               308 
_refine_hist.d_res_high                       2.10 
_refine_hist.d_res_low                        40.51 
# 
loop_
_refine_ls_restr.pdbx_refine_id 
_refine_ls_restr.criterion 
_refine_ls_restr.dev_ideal 
_refine_ls_restr.dev_ideal_target 
_refine_ls_restr.number 
_refine_ls_restr.rejects 
_refine_ls_restr.type 
_refine_ls_restr.weight 
_refine_ls_restr.pdbx_restraint_function 
'X-RAY DIFFRACTION' ? 0.006 0.011  331 ? r_bond_refined_d             ? ? 
'X-RAY DIFFRACTION' ? 0.002 0.020  157 ? r_bond_other_d               ? ? 
'X-RAY DIFFRACTION' ? 1.406 1.146  511 ? r_angle_refined_deg          ? ? 
'X-RAY DIFFRACTION' ? 3.352 3.000  371 ? r_angle_other_deg            ? ? 
'X-RAY DIFFRACTION' ? ?     ?      ?   ? r_dihedral_angle_1_deg       ? ? 
'X-RAY DIFFRACTION' ? ?     ?      ?   ? r_dihedral_angle_2_deg       ? ? 
'X-RAY DIFFRACTION' ? ?     ?      ?   ? r_dihedral_angle_3_deg       ? ? 
'X-RAY DIFFRACTION' ? ?     ?      ?   ? r_dihedral_angle_4_deg       ? ? 
'X-RAY DIFFRACTION' ? 0.177 0.200  42  ? r_chiral_restr               ? ? 
'X-RAY DIFFRACTION' ? 0.009 0.020  178 ? r_gen_planes_refined         ? ? 
'X-RAY DIFFRACTION' ? 0.001 0.020  74  ? r_gen_planes_other           ? ? 
'X-RAY DIFFRACTION' ? ?     ?      ?   ? r_nbd_refined                ? ? 
'X-RAY DIFFRACTION' ? ?     ?      ?   ? r_nbd_other                  ? ? 
'X-RAY DIFFRACTION' ? ?     ?      ?   ? r_nbtor_refined              ? ? 
'X-RAY DIFFRACTION' ? ?     ?      ?   ? r_nbtor_other                ? ? 
'X-RAY DIFFRACTION' ? ?     ?      ?   ? r_xyhbond_nbd_refined        ? ? 
'X-RAY DIFFRACTION' ? ?     ?      ?   ? r_xyhbond_nbd_other          ? ? 
'X-RAY DIFFRACTION' ? ?     ?      ?   ? r_metal_ion_refined          ? ? 
'X-RAY DIFFRACTION' ? ?     ?      ?   ? r_metal_ion_other            ? ? 
'X-RAY DIFFRACTION' ? ?     ?      ?   ? r_symmetry_vdw_refined       ? ? 
'X-RAY DIFFRACTION' ? ?     ?      ?   ? r_symmetry_vdw_other         ? ? 
'X-RAY DIFFRACTION' ? ?     ?      ?   ? r_symmetry_hbond_refined     ? ? 
'X-RAY DIFFRACTION' ? ?     ?      ?   ? r_symmetry_hbond_other       ? ? 
'X-RAY DIFFRACTION' ? ?     ?      ?   ? r_symmetry_metal_ion_refined ? ? 
'X-RAY DIFFRACTION' ? ?     ?      ?   ? r_symmetry_metal_ion_other   ? ? 
'X-RAY DIFFRACTION' ? ?     ?      ?   ? r_mcbond_it                  ? ? 
'X-RAY DIFFRACTION' ? ?     ?      ?   ? r_mcbond_other               ? ? 
'X-RAY DIFFRACTION' ? ?     ?      ?   ? r_mcangle_it                 ? ? 
'X-RAY DIFFRACTION' ? ?     ?      ?   ? r_mcangle_other              ? ? 
'X-RAY DIFFRACTION' ? 2.651 5.520  329 ? r_scbond_it                  ? ? 
'X-RAY DIFFRACTION' ? 2.647 5.516  330 ? r_scbond_other               ? ? 
'X-RAY DIFFRACTION' ? ?     ?      ?   ? r_scangle_it                 ? ? 
'X-RAY DIFFRACTION' ? 4.456 8.317  510 ? r_scangle_other              ? ? 
'X-RAY DIFFRACTION' ? 5.662 53.940 490 ? r_long_range_B_refined       ? ? 
'X-RAY DIFFRACTION' ? 5.663 53.904 490 ? r_long_range_B_other         ? ? 
'X-RAY DIFFRACTION' ? ?     ?      ?   ? r_rigid_bond_restr           ? ? 
'X-RAY DIFFRACTION' ? ?     ?      ?   ? r_sphericity_free            ? ? 
'X-RAY DIFFRACTION' ? ?     ?      ?   ? r_sphericity_bonded          ? ? 
# 
_refine_ls_shell.pdbx_refine_id                   'X-RAY DIFFRACTION' 
_refine_ls_shell.d_res_high                       2.10 
_refine_ls_shell.d_res_low                        2.156 
_refine_ls_shell.number_reflns_all                ? 
_refine_ls_shell.number_reflns_obs                ? 
_refine_ls_shell.number_reflns_R_free             29 
_refine_ls_shell.number_reflns_R_work             202 
_refine_ls_shell.percent_reflns_obs               96.25 
_refine_ls_shell.percent_reflns_R_free            ? 
_refine_ls_shell.R_factor_all                     ? 
_refine_ls_shell.R_factor_obs                     ? 
_refine_ls_shell.R_factor_R_free                  0.416 
_refine_ls_shell.R_factor_R_free_error            ? 
_refine_ls_shell.R_factor_R_work                  0.454 
_refine_ls_shell.redundancy_reflns_all            ? 
_refine_ls_shell.redundancy_reflns_obs            ? 
_refine_ls_shell.wR_factor_all                    ? 
_refine_ls_shell.wR_factor_obs                    ? 
_refine_ls_shell.wR_factor_R_free                 ? 
_refine_ls_shell.wR_factor_R_work                 ? 
_refine_ls_shell.pdbx_total_number_of_bins_used   20 
_refine_ls_shell.pdbx_phase_error                 ? 
_refine_ls_shell.pdbx_fsc_work                    ? 
_refine_ls_shell.pdbx_fsc_free                    ? 
# 
_struct.entry_id                     5BZ9 
_struct.title                        'X-ray crystal structure of a continuously hydrogen bonded 14mer DNA lattice.' 
_struct.pdbx_model_details           ? 
_struct.pdbx_formula_weight          ? 
_struct.pdbx_formula_weight_method   ? 
_struct.pdbx_model_type_details      ? 
_struct.pdbx_CASP_flag               ? 
# 
_struct_keywords.entry_id        5BZ9 
_struct_keywords.text            'Self-assembly, DNA crystal structure, Non-canonical base pairs, DNA' 
_struct_keywords.pdbx_keywords   DNA 
# 
loop_
_struct_asym.id 
_struct_asym.pdbx_blank_PDB_chainid_flag 
_struct_asym.pdbx_modified 
_struct_asym.entity_id 
_struct_asym.details 
A N N 1 ? 
B N N 2 ? 
C N N 2 ? 
D N N 3 ? 
# 
loop_
_struct_conn.id 
_struct_conn.conn_type_id 
_struct_conn.pdbx_leaving_atom_flag 
_struct_conn.pdbx_PDB_id 
_struct_conn.ptnr1_label_asym_id 
_struct_conn.ptnr1_label_comp_id 
_struct_conn.ptnr1_label_seq_id 
_struct_conn.ptnr1_label_atom_id 
_struct_conn.pdbx_ptnr1_label_alt_id 
_struct_conn.pdbx_ptnr1_PDB_ins_code 
_struct_conn.pdbx_ptnr1_standard_comp_id 
_struct_conn.ptnr1_symmetry 
_struct_conn.ptnr2_label_asym_id 
_struct_conn.ptnr2_label_comp_id 
_struct_conn.ptnr2_label_seq_id 
_struct_conn.ptnr2_label_atom_id 
_struct_conn.pdbx_ptnr2_label_alt_id 
_struct_conn.pdbx_ptnr2_PDB_ins_code 
_struct_conn.ptnr1_auth_asym_id 
_struct_conn.ptnr1_auth_comp_id 
_struct_conn.ptnr1_auth_seq_id 
_struct_conn.ptnr2_auth_asym_id 
_struct_conn.ptnr2_auth_comp_id 
_struct_conn.ptnr2_auth_seq_id 
_struct_conn.ptnr2_symmetry 
_struct_conn.pdbx_ptnr3_label_atom_id 
_struct_conn.pdbx_ptnr3_label_seq_id 
_struct_conn.pdbx_ptnr3_label_comp_id 
_struct_conn.pdbx_ptnr3_label_asym_id 
_struct_conn.pdbx_ptnr3_label_alt_id 
_struct_conn.pdbx_ptnr3_PDB_ins_code 
_struct_conn.details 
_struct_conn.pdbx_dist_value 
_struct_conn.pdbx_value_order 
_struct_conn.pdbx_role 
hydrog1  hydrog ? ? A DG 1  N1 ? ? ? 1_555 A DG 11 N7 ? ? A DG 1  A DG 11 6_767 ? ? ? ? ? ? TYPE_7_PAIR  ? ? ? 
hydrog2  hydrog ? ? A DG 1  N2 ? ? ? 1_555 A DG 11 O6 ? ? A DG 1  A DG 11 6_767 ? ? ? ? ? ? TYPE_7_PAIR  ? ? ? 
hydrog3  hydrog ? ? A DA 3  N6 ? ? ? 1_555 A DG 10 N3 ? ? A DA 3  A DG 10 6_767 ? ? ? ? ? ? TYPE_11_PAIR ? ? ? 
hydrog4  hydrog ? ? A DA 3  N7 ? ? ? 1_555 A DG 10 N2 ? ? A DA 3  A DG 10 6_767 ? ? ? ? ? ? TYPE_11_PAIR ? ? ? 
hydrog5  hydrog ? ? A DA 4  N1 ? ? ? 1_555 A DT 9  N3 ? ? A DA 4  A DT 9  6_767 ? ? ? ? ? ? WATSON-CRICK ? ? ? 
hydrog6  hydrog ? ? A DA 4  N6 ? ? ? 1_555 A DT 9  O4 ? ? A DA 4  A DT 9  6_767 ? ? ? ? ? ? WATSON-CRICK ? ? ? 
hydrog7  hydrog ? ? A DA 5  N1 ? ? ? 1_555 A DT 8  N3 ? ? A DA 5  A DT 8  6_767 ? ? ? ? ? ? WATSON-CRICK ? ? ? 
hydrog8  hydrog ? ? A DA 5  N6 ? ? ? 1_555 A DT 8  O4 ? ? A DA 5  A DT 8  6_767 ? ? ? ? ? ? WATSON-CRICK ? ? ? 
hydrog9  hydrog ? ? A DC 6  N3 ? ? ? 1_555 A DG 7  N1 ? ? A DC 6  A DG 7  6_767 ? ? ? ? ? ? WATSON-CRICK ? ? ? 
hydrog10 hydrog ? ? A DC 6  N4 ? ? ? 1_555 A DG 7  O6 ? ? A DC 6  A DG 7  6_767 ? ? ? ? ? ? WATSON-CRICK ? ? ? 
hydrog11 hydrog ? ? A DC 6  O2 ? ? ? 1_555 A DG 7  N2 ? ? A DC 6  A DG 7  6_767 ? ? ? ? ? ? WATSON-CRICK ? ? ? 
hydrog12 hydrog ? ? A DG 7  N1 ? ? ? 1_555 A DC 6  N3 ? ? A DG 7  A DC 6  6_767 ? ? ? ? ? ? WATSON-CRICK ? ? ? 
hydrog13 hydrog ? ? A DG 7  N2 ? ? ? 1_555 A DC 6  O2 ? ? A DG 7  A DC 6  6_767 ? ? ? ? ? ? WATSON-CRICK ? ? ? 
hydrog14 hydrog ? ? A DG 7  O6 ? ? ? 1_555 A DC 6  N4 ? ? A DG 7  A DC 6  6_767 ? ? ? ? ? ? WATSON-CRICK ? ? ? 
hydrog15 hydrog ? ? A DT 8  N3 ? ? ? 1_555 A DA 5  N1 ? ? A DT 8  A DA 5  6_767 ? ? ? ? ? ? WATSON-CRICK ? ? ? 
hydrog16 hydrog ? ? A DT 8  O4 ? ? ? 1_555 A DA 5  N6 ? ? A DT 8  A DA 5  6_767 ? ? ? ? ? ? WATSON-CRICK ? ? ? 
hydrog17 hydrog ? ? A DT 9  N3 ? ? ? 1_555 A DA 4  N1 ? ? A DT 9  A DA 4  6_767 ? ? ? ? ? ? WATSON-CRICK ? ? ? 
hydrog18 hydrog ? ? A DT 9  O4 ? ? ? 1_555 A DA 4  N6 ? ? A DT 9  A DA 4  6_767 ? ? ? ? ? ? WATSON-CRICK ? ? ? 
hydrog19 hydrog ? ? A DG 10 N2 ? ? ? 1_555 A DA 3  N7 ? ? A DG 10 A DA 3  6_767 ? ? ? ? ? ? TYPE_11_PAIR ? ? ? 
hydrog20 hydrog ? ? A DG 10 N3 ? ? ? 1_555 A DA 3  N6 ? ? A DG 10 A DA 3  6_767 ? ? ? ? ? ? TYPE_11_PAIR ? ? ? 
hydrog21 hydrog ? ? A DG 11 N7 ? ? ? 1_555 A DG 1  N1 ? ? A DG 11 A DG 1  6_767 ? ? ? ? ? ? TYPE_7_PAIR  ? ? ? 
hydrog22 hydrog ? ? A DG 11 O6 ? ? ? 1_555 A DG 1  N2 ? ? A DG 11 A DG 1  6_767 ? ? ? ? ? ? TYPE_7_PAIR  ? ? ? 
# 
_struct_conn_type.id          hydrog 
_struct_conn_type.criteria    ? 
_struct_conn_type.reference   ? 
# 
_struct_site.id                   AC1 
_struct_site.pdbx_evidence_code   Software 
_struct_site.pdbx_auth_asym_id    A 
_struct_site.pdbx_auth_comp_id    MG 
_struct_site.pdbx_auth_seq_id     101 
_struct_site.pdbx_auth_ins_code   ? 
_struct_site.pdbx_num_residues    1 
_struct_site.details              'binding site for residue MG A 101' 
# 
_struct_site_gen.id                   1 
_struct_site_gen.site_id              AC1 
_struct_site_gen.pdbx_num_res         1 
_struct_site_gen.label_comp_id        HOH 
_struct_site_gen.label_asym_id        D 
_struct_site_gen.label_seq_id         . 
_struct_site_gen.pdbx_auth_ins_code   ? 
_struct_site_gen.auth_comp_id         HOH 
_struct_site_gen.auth_asym_id         A 
_struct_site_gen.auth_seq_id          211 
_struct_site_gen.label_atom_id        . 
_struct_site_gen.label_alt_id         ? 
_struct_site_gen.symmetry             6_667 
_struct_site_gen.details              ? 
# 
_atom_sites.entry_id                    5BZ9 
_atom_sites.fract_transf_matrix[1][1]   0.03691370 
_atom_sites.fract_transf_matrix[1][2]   0.02467970 
_atom_sites.fract_transf_matrix[1][3]   0.00153420 
_atom_sites.fract_transf_matrix[2][1]   0.03374097 
_atom_sites.fract_transf_matrix[2][2]   -0.00876145 
_atom_sites.fract_transf_matrix[2][3]   -0.02754648 
_atom_sites.fract_transf_matrix[3][1]   -0.00320729 
_atom_sites.fract_transf_matrix[3][2]   0.00514309 
_atom_sites.fract_transf_matrix[3][3]   -0.00556434 
_atom_sites.fract_transf_vector[1]      0.856856 
_atom_sites.fract_transf_vector[2]      -0.141976 
_atom_sites.fract_transf_vector[3]      1.132975 
# 
loop_
_atom_type.symbol 
C  
MG 
N  
O  
P  
# 
loop_
_atom_site.group_PDB 
_atom_site.id 
_atom_site.type_symbol 
_atom_site.label_atom_id 
_atom_site.label_alt_id 
_atom_site.label_comp_id 
_atom_site.label_asym_id 
_atom_site.label_entity_id 
_atom_site.label_seq_id 
_atom_site.pdbx_PDB_ins_code 
_atom_site.Cartn_x 
_atom_site.Cartn_y 
_atom_site.Cartn_z 
_atom_site.occupancy 
_atom_site.B_iso_or_equiv 
_atom_site.pdbx_formal_charge 
_atom_site.auth_seq_id 
_atom_site.auth_comp_id 
_atom_site.auth_asym_id 
_atom_site.auth_atom_id 
_atom_site.pdbx_PDB_model_num 
ATOM   1   O  "O5'" . DG  A 1 1  ? -9.997  18.546  -14.115 1.00 51.20 ? 1   DG  A "O5'" 1 
ATOM   2   C  "C5'" . DG  A 1 1  ? -10.522 17.500  -14.986 1.00 51.43 ? 1   DG  A "C5'" 1 
ATOM   3   C  "C4'" . DG  A 1 1  ? -9.453  16.484  -15.329 1.00 49.55 ? 1   DG  A "C4'" 1 
ATOM   4   O  "O4'" . DG  A 1 1  ? -8.132  16.988  -15.642 1.00 47.40 ? 1   DG  A "O4'" 1 
ATOM   5   C  "C3'" . DG  A 1 1  ? -9.260  15.215  -14.508 1.00 50.33 ? 1   DG  A "C3'" 1 
ATOM   6   O  "O3'" . DG  A 1 1  ? -9.137  14.064  -15.351 1.00 54.19 ? 1   DG  A "O3'" 1 
ATOM   7   C  "C2'" . DG  A 1 1  ? -7.935  15.488  -13.822 1.00 48.98 ? 1   DG  A "C2'" 1 
ATOM   8   C  "C1'" . DG  A 1 1  ? -7.165  16.272  -14.883 1.00 46.11 ? 1   DG  A "C1'" 1 
ATOM   9   N  N9    . DG  A 1 1  ? -6.218  17.241  -14.351 1.00 43.41 ? 1   DG  A N9    1 
ATOM   10  C  C8    . DG  A 1 1  ? -6.470  18.194  -13.397 1.00 43.77 ? 1   DG  A C8    1 
ATOM   11  N  N7    . DG  A 1 1  ? -5.431  18.936  -13.126 1.00 43.49 ? 1   DG  A N7    1 
ATOM   12  C  C5    . DG  A 1 1  ? -4.438  18.456  -13.967 1.00 42.65 ? 1   DG  A C5    1 
ATOM   13  C  C6    . DG  A 1 1  ? -3.092  18.871  -14.127 1.00 43.15 ? 1   DG  A C6    1 
ATOM   14  O  O6    . DG  A 1 1  ? -2.487  19.777  -13.536 1.00 46.18 ? 1   DG  A O6    1 
ATOM   15  N  N1    . DG  A 1 1  ? -2.434  18.104  -15.082 1.00 40.89 ? 1   DG  A N1    1 
ATOM   16  C  C2    . DG  A 1 1  ? -3.002  17.086  -15.803 1.00 42.05 ? 1   DG  A C2    1 
ATOM   17  N  N2    . DG  A 1 1  ? -2.215  16.487  -16.694 1.00 44.19 ? 1   DG  A N2    1 
ATOM   18  N  N3    . DG  A 1 1  ? -4.250  16.679  -15.654 1.00 43.74 ? 1   DG  A N3    1 
ATOM   19  C  C4    . DG  A 1 1  ? -4.908  17.408  -14.728 1.00 43.34 ? 1   DG  A C4    1 
ATOM   20  P  P     . DG  A 1 2  ? -9.299  12.586  -14.730 1.00 56.25 ? 2   DG  A P     1 
ATOM   21  O  OP1   . DG  A 1 2  ? -9.904  11.733  -15.768 1.00 56.78 ? 2   DG  A OP1   1 
ATOM   22  O  OP2   . DG  A 1 2  ? -9.970  12.716  -13.403 1.00 58.55 ? 2   DG  A OP2   1 
ATOM   23  O  "O5'" . DG  A 1 2  ? -7.810  12.131  -14.394 1.00 55.62 ? 2   DG  A "O5'" 1 
ATOM   24  C  "C5'" . DG  A 1 2  ? -6.702  12.370  -15.276 1.00 53.16 ? 2   DG  A "C5'" 1 
ATOM   25  C  "C4'" . DG  A 1 2  ? -5.400  12.186  -14.533 1.00 50.78 ? 2   DG  A "C4'" 1 
ATOM   26  O  "O4'" . DG  A 1 2  ? -5.099  13.385  -13.781 1.00 50.85 ? 2   DG  A "O4'" 1 
ATOM   27  C  "C3'" . DG  A 1 2  ? -5.383  11.054  -13.507 1.00 51.57 ? 2   DG  A "C3'" 1 
ATOM   28  O  "O3'" . DG  A 1 2  ? -4.056  10.540  -13.355 1.00 52.95 ? 2   DG  A "O3'" 1 
ATOM   29  C  "C2'" . DG  A 1 2  ? -5.770  11.767  -12.226 1.00 49.81 ? 2   DG  A "C2'" 1 
ATOM   30  C  "C1'" . DG  A 1 2  ? -5.002  13.061  -12.396 1.00 48.31 ? 2   DG  A "C1'" 1 
ATOM   31  N  N9    . DG  A 1 2  ? -5.452  14.221  -11.634 1.00 45.01 ? 2   DG  A N9    1 
ATOM   32  C  C8    . DG  A 1 2  ? -6.685  14.477  -11.081 1.00 44.95 ? 2   DG  A C8    1 
ATOM   33  N  N7    . DG  A 1 2  ? -6.749  15.642  -10.494 1.00 45.31 ? 2   DG  A N7    1 
ATOM   34  C  C5    . DG  A 1 2  ? -5.480  16.179  -10.661 1.00 41.14 ? 2   DG  A C5    1 
ATOM   35  C  C6    . DG  A 1 2  ? -4.947  17.429  -10.254 1.00 42.23 ? 2   DG  A C6    1 
ATOM   36  O  O6    . DG  A 1 2  ? -5.500  18.337  -9.611  1.00 39.62 ? 2   DG  A O6    1 
ATOM   37  N  N1    . DG  A 1 2  ? -3.623  17.574  -10.658 1.00 40.13 ? 2   DG  A N1    1 
ATOM   38  C  C2    . DG  A 1 2  ? -2.907  16.636  -11.363 1.00 40.64 ? 2   DG  A C2    1 
ATOM   39  N  N2    . DG  A 1 2  ? -1.639  16.945  -11.656 1.00 37.84 ? 2   DG  A N2    1 
ATOM   40  N  N3    . DG  A 1 2  ? -3.401  15.484  -11.766 1.00 39.45 ? 2   DG  A N3    1 
ATOM   41  C  C4    . DG  A 1 2  ? -4.676  15.317  -11.375 1.00 41.16 ? 2   DG  A C4    1 
ATOM   42  P  P     . DA  A 1 3  ? -3.690  9.071   -13.883 1.00 56.59 ? 3   DA  A P     1 
ATOM   43  O  OP1   . DA  A 1 3  ? -4.427  8.863   -15.152 1.00 59.48 ? 3   DA  A OP1   1 
ATOM   44  O  OP2   . DA  A 1 3  ? -3.869  8.117   -12.764 1.00 57.95 ? 3   DA  A OP2   1 
ATOM   45  O  "O5'" . DA  A 1 3  ? -2.123  9.166   -14.140 1.00 52.78 ? 3   DA  A "O5'" 1 
ATOM   46  C  "C5'" . DA  A 1 3  ? -1.634  9.626   -15.402 1.00 52.59 ? 3   DA  A "C5'" 1 
ATOM   47  C  "C4'" . DA  A 1 3  ? -0.187  10.028  -15.276 1.00 52.69 ? 3   DA  A "C4'" 1 
ATOM   48  O  "O4'" . DA  A 1 3  ? -0.109  11.203  -14.449 1.00 51.31 ? 3   DA  A "O4'" 1 
ATOM   49  C  "C3'" . DA  A 1 3  ? 0.727   9.007   -14.604 1.00 55.34 ? 3   DA  A "C3'" 1 
ATOM   50  O  "O3'" . DA  A 1 3  ? 2.065   9.153   -15.083 1.00 59.45 ? 3   DA  A "O3'" 1 
ATOM   51  C  "C2'" . DA  A 1 3  ? 0.739   9.453   -13.159 1.00 53.25 ? 3   DA  A "C2'" 1 
ATOM   52  C  "C1'" . DA  A 1 3  ? 0.724   10.955  -13.329 1.00 50.16 ? 3   DA  A "C1'" 1 
ATOM   53  N  N9    . DA  A 1 3  ? 0.160   11.680  -12.195 1.00 45.66 ? 3   DA  A N9    1 
ATOM   54  C  C8    . DA  A 1 3  ? -1.149  11.720  -11.785 1.00 44.33 ? 3   DA  A C8    1 
ATOM   55  N  N7    . DA  A 1 3  ? -1.352  12.491  -10.746 1.00 44.80 ? 3   DA  A N7    1 
ATOM   56  C  C5    . DA  A 1 3  ? -0.091  12.994  -10.454 1.00 43.60 ? 3   DA  A C5    1 
ATOM   57  C  C6    . DA  A 1 3  ? 0.369   13.868  -9.458  1.00 43.38 ? 3   DA  A C6    1 
ATOM   58  N  N6    . DA  A 1 3  ? -0.419  14.405  -8.524  1.00 46.92 ? 3   DA  A N6    1 
ATOM   59  N  N1    . DA  A 1 3  ? 1.681   14.190  -9.462  1.00 44.89 ? 3   DA  A N1    1 
ATOM   60  C  C2    . DA  A 1 3  ? 2.475   13.638  -10.388 1.00 45.68 ? 3   DA  A C2    1 
ATOM   61  N  N3    . DA  A 1 3  ? 2.163   12.785  -11.362 1.00 44.61 ? 3   DA  A N3    1 
ATOM   62  C  C4    . DA  A 1 3  ? 0.846   12.513  -11.348 1.00 44.49 ? 3   DA  A C4    1 
ATOM   63  P  P     . DA  A 1 4  ? 3.069   7.913   -15.004 1.00 64.96 ? 4   DA  A P     1 
ATOM   64  O  OP1   . DA  A 1 4  ? 4.085   8.088   -16.078 1.00 65.31 ? 4   DA  A OP1   1 
ATOM   65  O  OP2   . DA  A 1 4  ? 2.250   6.661   -14.918 1.00 63.99 ? 4   DA  A OP2   1 
ATOM   66  O  "O5'" . DA  A 1 4  ? 3.838   8.153   -13.631 1.00 61.91 ? 4   DA  A "O5'" 1 
ATOM   67  C  "C5'" . DA  A 1 4  ? 4.618   9.335   -13.417 1.00 58.49 ? 4   DA  A "C5'" 1 
ATOM   68  C  "C4'" . DA  A 1 4  ? 5.036   9.424   -11.967 1.00 57.72 ? 4   DA  A "C4'" 1 
ATOM   69  O  "O4'" . DA  A 1 4  ? 3.914   9.813   -11.139 1.00 58.39 ? 4   DA  A "O4'" 1 
ATOM   70  C  "C3'" . DA  A 1 4  ? 5.552   8.130   -11.344 1.00 58.78 ? 4   DA  A "C3'" 1 
ATOM   71  O  "O3'" . DA  A 1 4  ? 6.389   8.543   -10.276 1.00 62.94 ? 4   DA  A "O3'" 1 
ATOM   72  C  "C2'" . DA  A 1 4  ? 4.320   7.547   -10.683 1.00 57.65 ? 4   DA  A "C2'" 1 
ATOM   73  C  "C1'" . DA  A 1 4  ? 3.682   8.814   -10.148 1.00 55.15 ? 4   DA  A "C1'" 1 
ATOM   74  N  N9    . DA  A 1 4  ? 2.246   8.741   -9.917  1.00 52.02 ? 4   DA  A N9    1 
ATOM   75  C  C8    . DA  A 1 4  ? 1.320   7.880   -10.453 1.00 53.05 ? 4   DA  A C8    1 
ATOM   76  N  N7    . DA  A 1 4  ? 0.096   8.100   -10.043 1.00 51.89 ? 4   DA  A N7    1 
ATOM   77  C  C5    . DA  A 1 4  ? 0.224   9.172   -9.171  1.00 52.26 ? 4   DA  A C5    1 
ATOM   78  C  C6    . DA  A 1 4  ? -0.712  9.875   -8.390  1.00 52.51 ? 4   DA  A C6    1 
ATOM   79  N  N6    . DA  A 1 4  ? -2.015  9.600   -8.373  1.00 54.86 ? 4   DA  A N6    1 
ATOM   80  N  N1    . DA  A 1 4  ? -0.256  10.889  -7.622  1.00 51.77 ? 4   DA  A N1    1 
ATOM   81  C  C2    . DA  A 1 4  ? 1.053   11.172  -7.646  1.00 53.40 ? 4   DA  A C2    1 
ATOM   82  N  N3    . DA  A 1 4  ? 2.031   10.580  -8.335  1.00 53.40 ? 4   DA  A N3    1 
ATOM   83  C  C4    . DA  A 1 4  ? 1.542   9.578   -9.087  1.00 51.92 ? 4   DA  A C4    1 
ATOM   84  P  P     . DA  A 1 5  ? 7.635   7.675   -9.824  1.00 66.11 ? 5   DA  A P     1 
ATOM   85  O  OP1   . DA  A 1 5  ? 8.667   7.777   -10.886 1.00 68.70 ? 5   DA  A OP1   1 
ATOM   86  O  OP2   . DA  A 1 5  ? 7.147   6.340   -9.373  1.00 62.59 ? 5   DA  A OP2   1 
ATOM   87  O  "O5'" . DA  A 1 5  ? 8.155   8.504   -8.570  1.00 64.65 ? 5   DA  A "O5'" 1 
ATOM   88  C  "C5'" . DA  A 1 5  ? 8.056   9.946   -8.543  1.00 62.93 ? 5   DA  A "C5'" 1 
ATOM   89  C  "C4'" . DA  A 1 5  ? 7.633   10.423  -7.173  1.00 60.76 ? 5   DA  A "C4'" 1 
ATOM   90  O  "O4'" . DA  A 1 5  ? 6.205   10.274  -7.002  1.00 58.18 ? 5   DA  A "O4'" 1 
ATOM   91  C  "C3'" . DA  A 1 5  ? 8.265   9.664   -6.009  1.00 62.45 ? 5   DA  A "C3'" 1 
ATOM   92  O  "O3'" . DA  A 1 5  ? 8.520   10.604  -4.973  1.00 66.65 ? 5   DA  A "O3'" 1 
ATOM   93  C  "C2'" . DA  A 1 5  ? 7.174   8.703   -5.576  1.00 59.15 ? 5   DA  A "C2'" 1 
ATOM   94  C  "C1'" . DA  A 1 5  ? 5.954   9.559   -5.797  1.00 57.07 ? 5   DA  A "C1'" 1 
ATOM   95  N  N9    . DA  A 1 5  ? 4.701   8.838   -5.970  1.00 54.36 ? 5   DA  A N9    1 
ATOM   96  C  C8    . DA  A 1 5  ? 4.446   7.686   -6.671  1.00 52.53 ? 5   DA  A C8    1 
ATOM   97  N  N7    . DA  A 1 5  ? 3.183   7.334   -6.666  1.00 51.80 ? 5   DA  A N7    1 
ATOM   98  C  C5    . DA  A 1 5  ? 2.563   8.334   -5.928  1.00 53.48 ? 5   DA  A C5    1 
ATOM   99  C  C6    . DA  A 1 5  ? 1.224   8.549   -5.561  1.00 53.68 ? 5   DA  A C6    1 
ATOM   100 N  N6    . DA  A 1 5  ? 0.223   7.736   -5.900  1.00 57.12 ? 5   DA  A N6    1 
ATOM   101 N  N1    . DA  A 1 5  ? 0.944   9.642   -4.817  1.00 54.33 ? 5   DA  A N1    1 
ATOM   102 C  C2    . DA  A 1 5  ? 1.948   10.454  -4.469  1.00 53.68 ? 5   DA  A C2    1 
ATOM   103 N  N3    . DA  A 1 5  ? 3.243   10.364  -4.761  1.00 53.80 ? 5   DA  A N3    1 
ATOM   104 C  C4    . DA  A 1 5  ? 3.485   9.271   -5.503  1.00 53.01 ? 5   DA  A C4    1 
ATOM   105 P  P     . DC  A 1 6  ? 9.851   10.514  -4.120  1.00 69.96 ? 6   DC  A P     1 
ATOM   106 O  OP1   . DC  A 1 6  ? 10.700  11.679  -4.478  1.00 73.22 ? 6   DC  A OP1   1 
ATOM   107 O  OP2   . DC  A 1 6  ? 10.389  9.132   -4.232  1.00 70.33 ? 6   DC  A OP2   1 
ATOM   108 O  "O5'" . DC  A 1 6  ? 9.298   10.716  -2.646  1.00 69.82 ? 6   DC  A "O5'" 1 
ATOM   109 C  "C5'" . DC  A 1 6  ? 8.429   9.720   -2.102  1.00 69.41 ? 6   DC  A "C5'" 1 
ATOM   110 C  "C4'" . DC  A 1 6  ? 7.165   10.344  -1.564  1.00 67.30 ? 6   DC  A "C4'" 1 
ATOM   111 O  "O4'" . DC  A 1 6  ? 6.051   9.868   -2.358  1.00 64.97 ? 6   DC  A "O4'" 1 
ATOM   112 C  "C3'" . DC  A 1 6  ? 6.876   9.921   -0.121  1.00 69.45 ? 6   DC  A "C3'" 1 
ATOM   113 O  "O3'" . DC  A 1 6  ? 6.533   10.969  0.802   1.00 76.15 ? 6   DC  A "O3'" 1 
ATOM   114 C  "C2'" . DC  A 1 6  ? 5.772   8.893   -0.267  1.00 65.96 ? 6   DC  A "C2'" 1 
ATOM   115 C  "C1'" . DC  A 1 6  ? 5.057   9.321   -1.513  1.00 61.40 ? 6   DC  A "C1'" 1 
ATOM   116 N  N1    . DC  A 1 6  ? 4.431   8.194   -2.207  1.00 56.40 ? 6   DC  A N1    1 
ATOM   117 C  C2    . DC  A 1 6  ? 3.040   8.087   -2.201  1.00 54.20 ? 6   DC  A C2    1 
ATOM   118 O  O2    . DC  A 1 6  ? 2.376   8.958   -1.627  1.00 56.68 ? 6   DC  A O2    1 
ATOM   119 N  N3    . DC  A 1 6  ? 2.454   7.047   -2.830  1.00 53.09 ? 6   DC  A N3    1 
ATOM   120 C  C4    . DC  A 1 6  ? 3.207   6.122   -3.428  1.00 54.53 ? 6   DC  A C4    1 
ATOM   121 N  N4    . DC  A 1 6  ? 2.589   5.113   -4.039  1.00 57.35 ? 6   DC  A N4    1 
ATOM   122 C  C5    . DC  A 1 6  ? 4.628   6.198   -3.435  1.00 55.00 ? 6   DC  A C5    1 
ATOM   123 C  C6    . DC  A 1 6  ? 5.195   7.234   -2.808  1.00 56.64 ? 6   DC  A C6    1 
ATOM   124 P  P     . DG  A 1 7  ? 6.788   10.744  2.400   1.00 81.85 ? 7   DG  A P     1 
ATOM   125 O  OP1   . DG  A 1 7  ? 5.923   11.697  3.152   1.00 80.28 ? 7   DG  A OP1   1 
ATOM   126 O  OP2   . DG  A 1 7  ? 8.262   10.699  2.646   1.00 79.50 ? 7   DG  A OP2   1 
ATOM   127 O  "O5'" . DG  A 1 7  ? 6.265   9.263   2.651   1.00 81.04 ? 7   DG  A "O5'" 1 
ATOM   128 C  "C5'" . DG  A 1 7  ? 5.590   8.892   3.862   1.00 81.95 ? 7   DG  A "C5'" 1 
ATOM   129 C  "C4'" . DG  A 1 7  ? 4.238   9.560   3.963   1.00 80.70 ? 7   DG  A "C4'" 1 
ATOM   130 O  "O4'" . DG  A 1 7  ? 3.477   9.429   2.740   1.00 77.22 ? 7   DG  A "O4'" 1 
ATOM   131 C  "C3'" . DG  A 1 7  ? 3.374   8.962   5.066   1.00 81.81 ? 7   DG  A "C3'" 1 
ATOM   132 O  "O3'" . DG  A 1 7  ? 2.742   9.978   5.837   1.00 86.89 ? 7   DG  A "O3'" 1 
ATOM   133 C  "C2'" . DG  A 1 7  ? 2.404   8.045   4.340   1.00 78.59 ? 7   DG  A "C2'" 1 
ATOM   134 C  "C1'" . DG  A 1 7  ? 2.474   8.428   2.873   1.00 73.78 ? 7   DG  A "C1'" 1 
ATOM   135 N  N9    . DG  A 1 7  ? 2.810   7.321   1.981   1.00 66.64 ? 7   DG  A N9    1 
ATOM   136 C  C8    . DG  A 1 7  ? 4.046   7.002   1.475   1.00 63.65 ? 7   DG  A C8    1 
ATOM   137 N  N7    . DG  A 1 7  ? 4.023   5.966   0.683   1.00 61.95 ? 7   DG  A N7    1 
ATOM   138 C  C5    . DG  A 1 7  ? 2.694   5.570   0.674   1.00 59.69 ? 7   DG  A C5    1 
ATOM   139 C  C6    . DG  A 1 7  ? 2.061   4.501   -0.004  1.00 57.23 ? 7   DG  A C6    1 
ATOM   140 O  O6    . DG  A 1 7  ? 2.563   3.670   -0.765  1.00 60.70 ? 7   DG  A O6    1 
ATOM   141 N  N1    . DG  A 1 7  ? 0.701   4.449   0.275   1.00 55.62 ? 7   DG  A N1    1 
ATOM   142 C  C2    . DG  A 1 7  ? 0.035   5.318   1.102   1.00 57.13 ? 7   DG  A C2    1 
ATOM   143 N  N2    . DG  A 1 7  ? -1.283  5.117   1.238   1.00 61.14 ? 7   DG  A N2    1 
ATOM   144 N  N3    . DG  A 1 7  ? 0.611   6.330   1.730   1.00 62.11 ? 7   DG  A N3    1 
ATOM   145 C  C4    . DG  A 1 7  ? 1.934   6.392   1.476   1.00 60.57 ? 7   DG  A C4    1 
ATOM   146 P  P     . DT  A 1 8  ? 2.393   9.674   7.354   1.00 89.51 ? 8   DT  A P     1 
ATOM   147 O  OP1   . DT  A 1 8  ? 1.897   10.927  7.973   1.00 97.58 ? 8   DT  A OP1   1 
ATOM   148 O  OP2   . DT  A 1 8  ? 3.557   8.966   7.955   1.00 87.13 ? 8   DT  A OP2   1 
ATOM   149 O  "O5'" . DT  A 1 8  ? 1.144   8.698   7.224   1.00 85.59 ? 8   DT  A "O5'" 1 
ATOM   150 C  "C5'" . DT  A 1 8  ? 1.263   7.323   7.603   1.00 84.02 ? 8   DT  A "C5'" 1 
ATOM   151 C  "C4'" . DT  A 1 8  ? -0.035  6.605   7.326   1.00 81.85 ? 8   DT  A "C4'" 1 
ATOM   152 O  "O4'" . DT  A 1 8  ? -0.167  6.380   5.901   1.00 76.65 ? 8   DT  A "O4'" 1 
ATOM   153 C  "C3'" . DT  A 1 8  ? -0.121  5.226   7.975   1.00 81.07 ? 8   DT  A "C3'" 1 
ATOM   154 O  "O3'" . DT  A 1 8  ? -0.602  5.272   9.336   1.00 81.45 ? 8   DT  A "O3'" 1 
ATOM   155 C  "C2'" . DT  A 1 8  ? -0.957  4.440   6.981   1.00 79.42 ? 8   DT  A "C2'" 1 
ATOM   156 C  "C1'" . DT  A 1 8  ? -0.580  5.041   5.644   1.00 75.21 ? 8   DT  A "C1'" 1 
ATOM   157 N  N1    . DT  A 1 8  ? 0.507   4.341   4.914   1.00 69.78 ? 8   DT  A N1    1 
ATOM   158 C  C2    . DT  A 1 8  ? 0.143   3.349   4.030   1.00 65.18 ? 8   DT  A C2    1 
ATOM   159 O  O2    . DT  A 1 8  ? -1.015  3.017   3.845   1.00 64.39 ? 8   DT  A O2    1 
ATOM   160 N  N3    . DT  A 1 8  ? 1.190   2.762   3.364   1.00 66.98 ? 8   DT  A N3    1 
ATOM   161 C  C4    . DT  A 1 8  ? 2.536   3.058   3.494   1.00 69.09 ? 8   DT  A C4    1 
ATOM   162 O  O4    . DT  A 1 8  ? 3.368   2.442   2.829   1.00 66.45 ? 8   DT  A O4    1 
ATOM   163 C  C5    . DT  A 1 8  ? 2.847   4.099   4.449   1.00 69.99 ? 8   DT  A C5    1 
ATOM   164 C  C7    . DT  A 1 8  ? 4.278   4.479   4.668   1.00 70.51 ? 8   DT  A C7    1 
ATOM   165 C  C6    . DT  A 1 8  ? 1.831   4.677   5.104   1.00 69.93 ? 8   DT  A C6    1 
ATOM   166 P  P     . DT  A 1 9  ? -2.175  5.133   9.664   1.00 81.43 ? 9   DT  A P     1 
ATOM   167 O  OP1   . DT  A 1 9  ? -2.927  5.983   8.697   1.00 81.03 ? 9   DT  A OP1   1 
ATOM   168 O  OP2   . DT  A 1 9  ? -2.360  5.338   11.123  1.00 86.18 ? 9   DT  A OP2   1 
ATOM   169 O  "O5'" . DT  A 1 9  ? -2.473  3.588   9.392   1.00 75.14 ? 9   DT  A "O5'" 1 
ATOM   170 C  "C5'" . DT  A 1 9  ? -3.627  3.150   8.632   1.00 66.82 ? 9   DT  A "C5'" 1 
ATOM   171 C  "C4'" . DT  A 1 9  ? -3.444  1.721   8.172   1.00 60.15 ? 9   DT  A "C4'" 1 
ATOM   172 O  "O4'" . DT  A 1 9  ? -2.338  1.622   7.239   1.00 57.91 ? 9   DT  A "O4'" 1 
ATOM   173 C  "C3'" . DT  A 1 9  ? -3.131  0.734   9.302   1.00 56.50 ? 9   DT  A "C3'" 1 
ATOM   174 O  "O3'" . DT  A 1 9  ? -4.002  -0.390  9.169   1.00 55.10 ? 9   DT  A "O3'" 1 
ATOM   175 C  "C2'" . DT  A 1 9  ? -1.657  0.418   9.101   1.00 54.63 ? 9   DT  A "C2'" 1 
ATOM   176 C  "C1'" . DT  A 1 9  ? -1.568  0.484   7.593   1.00 53.71 ? 9   DT  A "C1'" 1 
ATOM   177 N  N1    . DT  A 1 9  ? -0.214  0.616   6.996   1.00 50.93 ? 9   DT  A N1    1 
ATOM   178 C  C2    . DT  A 1 9  ? 0.043   -0.061  5.821   1.00 48.50 ? 9   DT  A C2    1 
ATOM   179 O  O2    . DT  A 1 9  ? -0.796  -0.719  5.234   1.00 49.63 ? 9   DT  A O2    1 
ATOM   180 N  N3    . DT  A 1 9  ? 1.319   0.088   5.341   1.00 49.24 ? 9   DT  A N3    1 
ATOM   181 C  C4    . DT  A 1 9  ? 2.343   0.817   5.909   1.00 48.85 ? 9   DT  A C4    1 
ATOM   182 O  O4    . DT  A 1 9  ? 3.443   0.851   5.365   1.00 51.89 ? 9   DT  A O4    1 
ATOM   183 C  C5    . DT  A 1 9  ? 2.009   1.490   7.145   1.00 48.70 ? 9   DT  A C5    1 
ATOM   184 C  C7    . DT  A 1 9  ? 3.058   2.307   7.832   1.00 49.62 ? 9   DT  A C7    1 
ATOM   185 C  C6    . DT  A 1 9  ? 0.768   1.345   7.627   1.00 47.92 ? 9   DT  A C6    1 
ATOM   186 P  P     . DG  A 1 10 ? -4.121  -1.468  10.340  1.00 55.48 ? 10  DG  A P     1 
ATOM   187 O  OP1   . DG  A 1 10 ? -5.427  -2.136  10.206  1.00 53.66 ? 10  DG  A OP1   1 
ATOM   188 O  OP2   . DG  A 1 10 ? -3.690  -0.845  11.608  1.00 51.50 ? 10  DG  A OP2   1 
ATOM   189 O  "O5'" . DG  A 1 10 ? -3.014  -2.536  9.946   1.00 52.09 ? 10  DG  A "O5'" 1 
ATOM   190 C  "C5'" . DG  A 1 10 ? -3.067  -3.141  8.645   1.00 48.62 ? 10  DG  A "C5'" 1 
ATOM   191 C  "C4'" . DG  A 1 10 ? -1.760  -3.826  8.335   1.00 43.91 ? 10  DG  A "C4'" 1 
ATOM   192 O  "O4'" . DG  A 1 10 ? -0.682  -2.858  8.344   1.00 42.75 ? 10  DG  A "O4'" 1 
ATOM   193 C  "C3'" . DG  A 1 10 ? -1.367  -4.902  9.348   1.00 43.26 ? 10  DG  A "C3'" 1 
ATOM   194 O  "O3'" . DG  A 1 10 ? -0.731  -5.981  8.665   1.00 44.68 ? 10  DG  A "O3'" 1 
ATOM   195 C  "C2'" . DG  A 1 10 ? -0.312  -4.211  10.178  1.00 42.74 ? 10  DG  A "C2'" 1 
ATOM   196 C  "C1'" . DG  A 1 10 ? 0.372   -3.422  9.094   1.00 41.76 ? 10  DG  A "C1'" 1 
ATOM   197 N  N9    . DG  A 1 10 ? 1.241   -2.356  9.563   1.00 40.70 ? 10  DG  A N9    1 
ATOM   198 C  C8    . DG  A 1 10 ? 1.158   -1.693  10.762  1.00 42.60 ? 10  DG  A C8    1 
ATOM   199 N  N7    . DG  A 1 10 ? 2.126   -0.836  10.941  1.00 40.40 ? 10  DG  A N7    1 
ATOM   200 C  C5    . DG  A 1 10 ? 2.906   -0.958  9.801   1.00 41.88 ? 10  DG  A C5    1 
ATOM   201 C  C6    . DG  A 1 10 ? 4.095   -0.287  9.432   1.00 43.62 ? 10  DG  A C6    1 
ATOM   202 O  O6    . DG  A 1 10 ? 4.719   0.579   10.061  1.00 45.91 ? 10  DG  A O6    1 
ATOM   203 N  N1    . DG  A 1 10 ? 4.557   -0.714  8.192   1.00 42.31 ? 10  DG  A N1    1 
ATOM   204 C  C2    . DG  A 1 10 ? 3.962   -1.672  7.417   1.00 40.25 ? 10  DG  A C2    1 
ATOM   205 N  N2    . DG  A 1 10 ? 4.561   -1.943  6.255   1.00 41.46 ? 10  DG  A N2    1 
ATOM   206 N  N3    . DG  A 1 10 ? 2.855   -2.310  7.751   1.00 40.44 ? 10  DG  A N3    1 
ATOM   207 C  C4    . DG  A 1 10 ? 2.384   -1.905  8.950   1.00 40.36 ? 10  DG  A C4    1 
ATOM   208 P  P     . DG  A 1 11 ? -0.943  -7.463  9.127   1.00 44.50 ? 11  DG  A P     1 
ATOM   209 O  OP1   . DG  A 1 11 ? -2.388  -7.668  9.395   1.00 44.92 ? 11  DG  A OP1   1 
ATOM   210 O  OP2   . DG  A 1 11 ? 0.062   -7.763  10.179  1.00 42.99 ? 11  DG  A OP2   1 
ATOM   211 O  "O5'" . DG  A 1 11 ? -0.530  -8.258  7.805   1.00 47.48 ? 11  DG  A "O5'" 1 
ATOM   212 C  "C5'" . DG  A 1 11 ? -1.256  -8.092  6.579   1.00 47.96 ? 11  DG  A "C5'" 1 
ATOM   213 C  "C4'" . DG  A 1 11 ? -1.733  -9.436  6.079   1.00 49.99 ? 11  DG  A "C4'" 1 
ATOM   214 O  "O4'" . DG  A 1 11 ? -0.583  -10.227 5.717   1.00 47.67 ? 11  DG  A "O4'" 1 
ATOM   215 C  "C3'" . DG  A 1 11 ? -2.496  -10.292 7.087   1.00 51.47 ? 11  DG  A "C3'" 1 
ATOM   216 O  "O3'" . DG  A 1 11 ? -3.382  -11.135 6.355   1.00 59.23 ? 11  DG  A "O3'" 1 
ATOM   217 C  "C2'" . DG  A 1 11 ? -1.392  -11.099 7.740   1.00 48.10 ? 11  DG  A "C2'" 1 
ATOM   218 C  "C1'" . DG  A 1 11 ? -0.461  -11.346 6.580   1.00 44.48 ? 11  DG  A "C1'" 1 
ATOM   219 N  N9    . DG  A 1 11 ? 0.947   -11.489 6.892   1.00 40.53 ? 11  DG  A N9    1 
ATOM   220 C  C8    . DG  A 1 11 ? 1.712   -10.745 7.755   1.00 39.49 ? 11  DG  A C8    1 
ATOM   221 N  N7    . DG  A 1 11 ? 2.974   -11.076 7.734   1.00 40.92 ? 11  DG  A N7    1 
ATOM   222 C  C5    . DG  A 1 11 ? 3.047   -12.090 6.787   1.00 40.74 ? 11  DG  A C5    1 
ATOM   223 C  C6    . DG  A 1 11 ? 4.157   -12.855 6.330   1.00 40.55 ? 11  DG  A C6    1 
ATOM   224 O  O6    . DG  A 1 11 ? 5.340   -12.800 6.693   1.00 40.25 ? 11  DG  A O6    1 
ATOM   225 N  N1    . DG  A 1 11 ? 3.779   -13.770 5.358   1.00 41.65 ? 11  DG  A N1    1 
ATOM   226 C  C2    . DG  A 1 11 ? 2.502   -13.942 4.893   1.00 43.24 ? 11  DG  A C2    1 
ATOM   227 N  N2    . DG  A 1 11 ? 2.336   -14.878 3.957   1.00 46.33 ? 11  DG  A N2    1 
ATOM   228 N  N3    . DG  A 1 11 ? 1.465   -13.230 5.297   1.00 42.45 ? 11  DG  A N3    1 
ATOM   229 C  C4    . DG  A 1 11 ? 1.804   -12.344 6.253   1.00 41.45 ? 11  DG  A C4    1 
ATOM   230 P  P     . DA  A 1 12 ? -4.377  -12.130 7.104   1.00 66.08 ? 12  DA  A P     1 
ATOM   231 O  OP1   . DA  A 1 12 ? -5.722  -11.942 6.510   1.00 67.19 ? 12  DA  A OP1   1 
ATOM   232 O  OP2   . DA  A 1 12 ? -4.175  -11.994 8.576   1.00 67.08 ? 12  DA  A OP2   1 
ATOM   233 O  "O5'" . DA  A 1 12 ? -3.832  -13.571 6.694   1.00 66.52 ? 12  DA  A "O5'" 1 
ATOM   234 C  "C5'" . DA  A 1 12 ? -3.333  -13.842 5.362   1.00 64.09 ? 12  DA  A "C5'" 1 
ATOM   235 C  "C4'" . DA  A 1 12 ? -2.949  -15.298 5.216   1.00 60.98 ? 12  DA  A "C4'" 1 
ATOM   236 O  "O4'" . DA  A 1 12 ? -1.578  -15.502 5.628   1.00 56.17 ? 12  DA  A "O4'" 1 
ATOM   237 C  "C3'" . DA  A 1 12 ? -3.762  -16.280 6.054   1.00 61.69 ? 12  DA  A "C3'" 1 
ATOM   238 O  "O3'" . DA  A 1 12 ? -3.822  -17.526 5.329   1.00 67.46 ? 12  DA  A "O3'" 1 
ATOM   239 C  "C2'" . DA  A 1 12 ? -2.975  -16.329 7.353   1.00 57.80 ? 12  DA  A "C2'" 1 
ATOM   240 C  "C1'" . DA  A 1 12 ? -1.531  -16.176 6.884   1.00 53.50 ? 12  DA  A "C1'" 1 
ATOM   241 N  N9    . DA  A 1 12 ? -0.629  -15.424 7.760   1.00 47.76 ? 12  DA  A N9    1 
ATOM   242 C  C8    . DA  A 1 12 ? -0.909  -14.408 8.641   1.00 46.16 ? 12  DA  A C8    1 
ATOM   243 N  N7    . DA  A 1 12 ? 0.151   -13.922 9.239   1.00 45.19 ? 12  DA  A N7    1 
ATOM   244 C  C5    . DA  A 1 12 ? 1.199   -14.665 8.714   1.00 44.08 ? 12  DA  A C5    1 
ATOM   245 C  C6    . DA  A 1 12 ? 2.584   -14.644 8.947   1.00 44.25 ? 12  DA  A C6    1 
ATOM   246 N  N6    . DA  A 1 12 ? 3.180   -13.806 9.797   1.00 45.16 ? 12  DA  A N6    1 
ATOM   247 N  N1    . DA  A 1 12 ? 3.349   -15.526 8.267   1.00 45.09 ? 12  DA  A N1    1 
ATOM   248 C  C2    . DA  A 1 12 ? 2.754   -16.361 7.407   1.00 43.86 ? 12  DA  A C2    1 
ATOM   249 N  N3    . DA  A 1 12 ? 1.464   -16.473 7.102   1.00 43.68 ? 12  DA  A N3    1 
ATOM   250 C  C4    . DA  A 1 12 ? 0.733   -15.587 7.797   1.00 45.00 ? 12  DA  A C4    1 
ATOM   251 P  P     . DG  A 1 13 ? -4.678  -18.787 5.877   1.00 66.68 ? 13  DG  A P     1 
ATOM   252 O  OP1   . DG  A 1 13 ? -5.286  -19.485 4.703   1.00 71.70 ? 13  DG  A OP1   1 
ATOM   253 O  OP2   . DG  A 1 13 ? -5.537  -18.322 7.006   1.00 63.63 ? 13  DG  A OP2   1 
ATOM   254 O  "O5'" . DG  A 1 13 ? -3.550  -19.771 6.419   1.00 63.49 ? 13  DG  A "O5'" 1 
ATOM   255 C  "C5'" . DG  A 1 13 ? -2.276  -19.955 5.756   1.00 61.42 ? 13  DG  A "C5'" 1 
ATOM   256 C  "C4'" . DG  A 1 13 ? -1.358  -20.687 6.706   1.00 60.51 ? 13  DG  A "C4'" 1 
ATOM   257 O  "O4'" . DG  A 1 13 ? -0.691  -19.708 7.531   1.00 56.29 ? 13  DG  A "O4'" 1 
ATOM   258 C  "C3'" . DG  A 1 13 ? -2.141  -21.597 7.659   1.00 61.69 ? 13  DG  A "C3'" 1 
ATOM   259 O  "O3'" . DG  A 1 13 ? -2.342  -22.939 7.131   1.00 68.39 ? 13  DG  A "O3'" 1 
ATOM   260 C  "C2'" . DG  A 1 13 ? -1.572  -21.318 9.050   1.00 58.96 ? 13  DG  A "C2'" 1 
ATOM   261 C  "C1'" . DG  A 1 13 ? -0.613  -20.139 8.881   1.00 54.33 ? 13  DG  A "C1'" 1 
ATOM   262 N  N9    . DG  A 1 13 ? -0.803  -18.962 9.735   1.00 51.04 ? 13  DG  A N9    1 
ATOM   263 C  C8    . DG  A 1 13 ? -1.972  -18.323 10.075  1.00 48.38 ? 13  DG  A C8    1 
ATOM   264 N  N7    . DG  A 1 13 ? -1.780  -17.270 10.824  1.00 48.19 ? 13  DG  A N7    1 
ATOM   265 C  C5    . DG  A 1 13 ? -0.402  -17.205 10.977  1.00 47.01 ? 13  DG  A C5    1 
ATOM   266 C  C6    . DG  A 1 13 ? 0.406   -16.273 11.681  1.00 46.57 ? 13  DG  A C6    1 
ATOM   267 O  O6    . DG  A 1 13 ? 0.050   -15.291 12.350  1.00 47.46 ? 13  DG  A O6    1 
ATOM   268 N  N1    . DG  A 1 13 ? 1.755   -16.590 11.583  1.00 42.08 ? 13  DG  A N1    1 
ATOM   269 C  C2    . DG  A 1 13 ? 2.269   -17.642 10.866  1.00 44.41 ? 13  DG  A C2    1 
ATOM   270 N  N2    . DG  A 1 13 ? 3.603   -17.769 10.859  1.00 44.49 ? 13  DG  A N2    1 
ATOM   271 N  N3    . DG  A 1 13 ? 1.530   -18.509 10.201  1.00 44.21 ? 13  DG  A N3    1 
ATOM   272 C  C4    . DG  A 1 13 ? 0.214   -18.232 10.297  1.00 46.91 ? 13  DG  A C4    1 
ATOM   273 P  P     . DA  A 1 14 ? -1.137  -23.996 6.901   1.00 69.57 ? 14  DA  A P     1 
ATOM   274 O  OP1   . DA  A 1 14 ? 0.136   -23.384 7.377   1.00 76.17 ? 14  DA  A OP1   1 
ATOM   275 O  OP2   . DA  A 1 14 ? -1.202  -24.475 5.508   1.00 70.11 ? 14  DA  A OP2   1 
ATOM   276 O  "O5'" . DA  A 1 14 ? -1.551  -25.166 7.897   1.00 66.12 ? 14  DA  A "O5'" 1 
ATOM   277 C  "C5'" . DA  A 1 14 ? -2.157  -24.849 9.171   1.00 61.54 ? 14  DA  A "C5'" 1 
ATOM   278 C  "C4'" . DA  A 1 14 ? -3.009  -25.997 9.657   1.00 59.36 ? 14  DA  A "C4'" 1 
ATOM   279 O  "O4'" . DA  A 1 14 ? -3.887  -26.426 8.594   1.00 57.40 ? 14  DA  A "O4'" 1 
ATOM   280 C  "C3'" . DA  A 1 14 ? -2.234  -27.245 10.060  1.00 57.69 ? 14  DA  A "C3'" 1 
ATOM   281 O  "O3'" . DA  A 1 14 ? -1.867  -27.229 11.442  1.00 58.89 ? 14  DA  A "O3'" 1 
ATOM   282 C  "C2'" . DA  A 1 14 ? -3.244  -28.350 9.830   1.00 56.94 ? 14  DA  A "C2'" 1 
ATOM   283 C  "C1'" . DA  A 1 14 ? -4.124  -27.823 8.702   1.00 52.26 ? 14  DA  A "C1'" 1 
ATOM   284 N  N9    . DA  A 1 14 ? -3.836  -28.442 7.409   1.00 47.79 ? 14  DA  A N9    1 
ATOM   285 C  C8    . DA  A 1 14 ? -3.009  -28.039 6.390   1.00 46.67 ? 14  DA  A C8    1 
ATOM   286 N  N7    . DA  A 1 14 ? -2.969  -28.874 5.380   1.00 44.95 ? 14  DA  A N7    1 
ATOM   287 C  C5    . DA  A 1 14 ? -3.815  -29.903 5.768   1.00 43.33 ? 14  DA  A C5    1 
ATOM   288 C  C6    . DA  A 1 14 ? -4.204  -31.093 5.138   1.00 42.91 ? 14  DA  A C6    1 
ATOM   289 N  N6    . DA  A 1 14 ? -3.777  -31.465 3.930   1.00 44.13 ? 14  DA  A N6    1 
ATOM   290 N  N1    . DA  A 1 14 ? -5.067  -31.896 5.794   1.00 42.35 ? 14  DA  A N1    1 
ATOM   291 C  C2    . DA  A 1 14 ? -5.501  -31.521 7.004   1.00 43.60 ? 14  DA  A C2    1 
ATOM   292 N  N3    . DA  A 1 14 ? -5.205  -30.430 7.701   1.00 41.15 ? 14  DA  A N3    1 
ATOM   293 C  C4    . DA  A 1 14 ? -4.352  -29.651 7.016   1.00 43.43 ? 14  DA  A C4    1 
HETATM 294 MG MG    . MG  B 2 .  ? -7.113  -22.790 4.477   1.00 61.21 ? 101 MG  A MG    1 
HETATM 295 MG MG    . MG  C 2 .  ? -0.065  -19.218 14.384  1.00 62.00 ? 102 MG  A MG    1 
HETATM 296 O  O     . HOH D 3 .  ? 1.593   -6.864  11.781  1.00 40.60 ? 201 HOH A O     1 
HETATM 297 O  O     . HOH D 3 .  ? 2.782   15.240  -7.555  1.00 45.96 ? 202 HOH A O     1 
HETATM 298 O  O     . HOH D 3 .  ? -1.575  -29.000 3.102   1.00 50.13 ? 203 HOH A O     1 
HETATM 299 O  O     . HOH D 3 .  ? 3.941   -19.752 9.081   1.00 59.00 ? 204 HOH A O     1 
HETATM 300 O  O     . HOH D 3 .  ? -3.373  -1.695  4.889   1.00 52.14 ? 205 HOH A O     1 
HETATM 301 O  O     . HOH D 3 .  ? 1.871   -19.967 6.472   1.00 60.71 ? 206 HOH A O     1 
HETATM 302 O  O     . HOH D 3 .  ? -4.868  -19.620 9.577   1.00 58.48 ? 207 HOH A O     1 
HETATM 303 O  O     . HOH D 3 .  ? 3.343   8.085   -18.969 1.00 61.33 ? 208 HOH A O     1 
HETATM 304 O  O     . HOH D 3 .  ? -0.859  22.101  -14.608 1.00 45.93 ? 209 HOH A O     1 
HETATM 305 O  O     . HOH D 3 .  ? 1.989   -24.077 4.975   1.00 55.87 ? 210 HOH A O     1 
HETATM 306 O  O     . HOH D 3 .  ? -9.414  17.444  -10.541 1.00 60.42 ? 211 HOH A O     1 
HETATM 307 O  O     . HOH D 3 .  ? -1.461  -15.583 15.676  1.00 61.19 ? 212 HOH A O     1 
HETATM 308 O  O     . HOH D 3 .  ? -1.227  -11.284 11.669  1.00 65.22 ? 213 HOH A O     1 
# 
loop_
_pdbx_poly_seq_scheme.asym_id 
_pdbx_poly_seq_scheme.entity_id 
_pdbx_poly_seq_scheme.seq_id 
_pdbx_poly_seq_scheme.mon_id 
_pdbx_poly_seq_scheme.ndb_seq_num 
_pdbx_poly_seq_scheme.pdb_seq_num 
_pdbx_poly_seq_scheme.auth_seq_num 
_pdbx_poly_seq_scheme.pdb_mon_id 
_pdbx_poly_seq_scheme.auth_mon_id 
_pdbx_poly_seq_scheme.pdb_strand_id 
_pdbx_poly_seq_scheme.pdb_ins_code 
_pdbx_poly_seq_scheme.hetero 
A 1 1  DG 1  1  1  DG DG A . n 
A 1 2  DG 2  2  2  DG DG A . n 
A 1 3  DA 3  3  3  DA DA A . n 
A 1 4  DA 4  4  4  DA DA A . n 
A 1 5  DA 5  5  5  DA DA A . n 
A 1 6  DC 6  6  6  DC DC A . n 
A 1 7  DG 7  7  7  DG DG A . n 
A 1 8  DT 8  8  8  DT DT A . n 
A 1 9  DT 9  9  9  DT DT A . n 
A 1 10 DG 10 10 10 DG DG A . n 
A 1 11 DG 11 11 11 DG DG A . n 
A 1 12 DA 12 12 12 DA DA A . n 
A 1 13 DG 13 13 13 DG DG A . n 
A 1 14 DA 14 14 14 DA DA A . n 
# 
loop_
_pdbx_nonpoly_scheme.asym_id 
_pdbx_nonpoly_scheme.entity_id 
_pdbx_nonpoly_scheme.mon_id 
_pdbx_nonpoly_scheme.ndb_seq_num 
_pdbx_nonpoly_scheme.pdb_seq_num 
_pdbx_nonpoly_scheme.auth_seq_num 
_pdbx_nonpoly_scheme.pdb_mon_id 
_pdbx_nonpoly_scheme.auth_mon_id 
_pdbx_nonpoly_scheme.pdb_strand_id 
_pdbx_nonpoly_scheme.pdb_ins_code 
B 2 MG  1  101 2  MG  MG  A . 
C 2 MG  1  102 3  MG  MG  A . 
D 3 HOH 1  201 11 HOH HOH A . 
D 3 HOH 2  202 12 HOH HOH A . 
D 3 HOH 3  203 2  HOH HOH A . 
D 3 HOH 4  204 17 HOH HOH A . 
D 3 HOH 5  205 15 HOH HOH A . 
D 3 HOH 6  206 8  HOH HOH A . 
D 3 HOH 7  207 3  HOH HOH A . 
D 3 HOH 8  208 16 HOH HOH A . 
D 3 HOH 9  209 9  HOH HOH A . 
D 3 HOH 10 210 7  HOH HOH A . 
D 3 HOH 11 211 13 HOH HOH A . 
D 3 HOH 12 212 6  HOH HOH A . 
D 3 HOH 13 213 10 HOH HOH A . 
# 
_pdbx_struct_assembly.id                   1 
_pdbx_struct_assembly.details              author_and_software_defined_assembly 
_pdbx_struct_assembly.method_details       PISA 
_pdbx_struct_assembly.oligomeric_details   dimeric 
_pdbx_struct_assembly.oligomeric_count     2 
# 
_pdbx_struct_assembly_gen.assembly_id       1 
_pdbx_struct_assembly_gen.oper_expression   1,2 
_pdbx_struct_assembly_gen.asym_id_list      A,B,C,D 
# 
loop_
_pdbx_struct_assembly_prop.biol_id 
_pdbx_struct_assembly_prop.type 
_pdbx_struct_assembly_prop.value 
_pdbx_struct_assembly_prop.details 
1 'ABSA (A^2)' 1540 ? 
1 MORE         -12  ? 
1 'SSA (A^2)'  5920 ? 
# 
loop_
_pdbx_struct_oper_list.id 
_pdbx_struct_oper_list.type 
_pdbx_struct_oper_list.name 
_pdbx_struct_oper_list.symmetry_operation 
_pdbx_struct_oper_list.matrix[1][1] 
_pdbx_struct_oper_list.matrix[1][2] 
_pdbx_struct_oper_list.matrix[1][3] 
_pdbx_struct_oper_list.vector[1] 
_pdbx_struct_oper_list.matrix[2][1] 
_pdbx_struct_oper_list.matrix[2][2] 
_pdbx_struct_oper_list.matrix[2][3] 
_pdbx_struct_oper_list.vector[2] 
_pdbx_struct_oper_list.matrix[3][1] 
_pdbx_struct_oper_list.matrix[3][2] 
_pdbx_struct_oper_list.matrix[3][3] 
_pdbx_struct_oper_list.vector[3] 
1 'identity operation'         1_555 x,y,z              1.0000000000  0.0000000000  0.0000000000  0.0000000000 0.0000000000  1.0000000000  0.0000000000 0.0000000000 0.0000000000  0.0000000000 1.0000000000 0.0000000000  
2 'crystal symmetry operation' 6_767 -x+2,-x+y+1,-z+7/3 -0.6844236493 -0.4356780292 -0.5845929552 2.1661176309 -0.4356780292 -0.3985121360 0.8070766583 8.6906544090 -0.5845929552 0.8070766583 0.0829357853 -5.3075420435 
# 
loop_
_pdbx_audit_revision_history.ordinal 
_pdbx_audit_revision_history.data_content_type 
_pdbx_audit_revision_history.major_revision 
_pdbx_audit_revision_history.minor_revision 
_pdbx_audit_revision_history.revision_date 
1 'Structure model' 1 0 2015-11-11 
2 'Structure model' 1 1 2015-12-16 
3 'Structure model' 1 2 2017-09-27 
4 'Structure model' 1 3 2019-11-27 
5 'Structure model' 1 4 2023-09-27 
# 
_pdbx_audit_revision_details.ordinal             1 
_pdbx_audit_revision_details.revision_ordinal    1 
_pdbx_audit_revision_details.data_content_type   'Structure model' 
_pdbx_audit_revision_details.provider            repository 
_pdbx_audit_revision_details.type                'Initial release' 
_pdbx_audit_revision_details.description         ? 
_pdbx_audit_revision_details.details             ? 
# 
loop_
_pdbx_audit_revision_group.ordinal 
_pdbx_audit_revision_group.revision_ordinal 
_pdbx_audit_revision_group.data_content_type 
_pdbx_audit_revision_group.group 
1 2 'Structure model' 'Database references'        
2 3 'Structure model' 'Author supporting evidence' 
3 3 'Structure model' 'Derived calculations'       
4 3 'Structure model' 'Refinement description'     
5 4 'Structure model' 'Author supporting evidence' 
6 5 'Structure model' 'Data collection'            
7 5 'Structure model' 'Database references'        
8 5 'Structure model' 'Refinement description'     
# 
loop_
_pdbx_audit_revision_category.ordinal 
_pdbx_audit_revision_category.revision_ordinal 
_pdbx_audit_revision_category.data_content_type 
_pdbx_audit_revision_category.category 
1 3 'Structure model' pdbx_audit_support            
2 3 'Structure model' pdbx_struct_oper_list         
3 3 'Structure model' software                      
4 4 'Structure model' pdbx_audit_support            
5 5 'Structure model' chem_comp_atom                
6 5 'Structure model' chem_comp_bond                
7 5 'Structure model' database_2                    
8 5 'Structure model' pdbx_initial_refinement_model 
# 
loop_
_pdbx_audit_revision_item.ordinal 
_pdbx_audit_revision_item.revision_ordinal 
_pdbx_audit_revision_item.data_content_type 
_pdbx_audit_revision_item.item 
1 3 'Structure model' '_pdbx_audit_support.funding_organization'  
2 3 'Structure model' '_pdbx_struct_oper_list.symmetry_operation' 
3 3 'Structure model' '_software.classification'                  
4 4 'Structure model' '_pdbx_audit_support.funding_organization'  
5 5 'Structure model' '_database_2.pdbx_DOI'                      
6 5 'Structure model' '_database_2.pdbx_database_accession'       
# 
loop_
_software.citation_id 
_software.classification 
_software.compiler_name 
_software.compiler_version 
_software.contact_author 
_software.contact_author_email 
_software.date 
_software.description 
_software.dependencies 
_software.hardware 
_software.language 
_software.location 
_software.mods 
_software.name 
_software.os 
_software.os_version 
_software.type 
_software.version 
_software.pdbx_ordinal 
? refinement     ? ? ? ? ? ? ? ? ? ? ? REFMAC  ? ? ? 5.8.0073 1 
? 'data scaling' ? ? ? ? ? ? ? ? ? ? ? XDS     ? ? ? .        2 
? 'data scaling' ? ? ? ? ? ? ? ? ? ? ? Aimless ? ? ? .        3 
? refinement     ? ? ? ? ? ? ? ? ? ? ? PHENIX  ? ? ? .        4 
# 
loop_
_pdbx_validate_symm_contact.id 
_pdbx_validate_symm_contact.PDB_model_num 
_pdbx_validate_symm_contact.auth_atom_id_1 
_pdbx_validate_symm_contact.auth_asym_id_1 
_pdbx_validate_symm_contact.auth_comp_id_1 
_pdbx_validate_symm_contact.auth_seq_id_1 
_pdbx_validate_symm_contact.PDB_ins_code_1 
_pdbx_validate_symm_contact.label_alt_id_1 
_pdbx_validate_symm_contact.site_symmetry_1 
_pdbx_validate_symm_contact.auth_atom_id_2 
_pdbx_validate_symm_contact.auth_asym_id_2 
_pdbx_validate_symm_contact.auth_comp_id_2 
_pdbx_validate_symm_contact.auth_seq_id_2 
_pdbx_validate_symm_contact.PDB_ins_code_2 
_pdbx_validate_symm_contact.label_alt_id_2 
_pdbx_validate_symm_contact.site_symmetry_2 
_pdbx_validate_symm_contact.dist 
1 1 MG A MG  101 ? ? 1_555 O A HOH 211 ? ? 6_667 1.68 
2 1 O  A HOH 209 ? ? 1_555 O A HOH 209 ? ? 5_557 1.82 
# 
_pdbx_validate_rmsd_angle.id                         1 
_pdbx_validate_rmsd_angle.PDB_model_num              1 
_pdbx_validate_rmsd_angle.auth_atom_id_1             "C5'" 
_pdbx_validate_rmsd_angle.auth_asym_id_1             A 
_pdbx_validate_rmsd_angle.auth_comp_id_1             DG 
_pdbx_validate_rmsd_angle.auth_seq_id_1              1 
_pdbx_validate_rmsd_angle.PDB_ins_code_1             ? 
_pdbx_validate_rmsd_angle.label_alt_id_1             ? 
_pdbx_validate_rmsd_angle.auth_atom_id_2             "C4'" 
_pdbx_validate_rmsd_angle.auth_asym_id_2             A 
_pdbx_validate_rmsd_angle.auth_comp_id_2             DG 
_pdbx_validate_rmsd_angle.auth_seq_id_2              1 
_pdbx_validate_rmsd_angle.PDB_ins_code_2             ? 
_pdbx_validate_rmsd_angle.label_alt_id_2             ? 
_pdbx_validate_rmsd_angle.auth_atom_id_3             "O4'" 
_pdbx_validate_rmsd_angle.auth_asym_id_3             A 
_pdbx_validate_rmsd_angle.auth_comp_id_3             DG 
_pdbx_validate_rmsd_angle.auth_seq_id_3              1 
_pdbx_validate_rmsd_angle.PDB_ins_code_3             ? 
_pdbx_validate_rmsd_angle.label_alt_id_3             ? 
_pdbx_validate_rmsd_angle.angle_value                117.39 
_pdbx_validate_rmsd_angle.angle_target_value         109.80 
_pdbx_validate_rmsd_angle.angle_deviation            7.59 
_pdbx_validate_rmsd_angle.angle_standard_deviation   1.10 
_pdbx_validate_rmsd_angle.linker_flag                N 
# 
loop_
_chem_comp_atom.comp_id 
_chem_comp_atom.atom_id 
_chem_comp_atom.type_symbol 
_chem_comp_atom.pdbx_aromatic_flag 
_chem_comp_atom.pdbx_stereo_config 
_chem_comp_atom.pdbx_ordinal 
DA  OP3    O  N N 1   
DA  P      P  N N 2   
DA  OP1    O  N N 3   
DA  OP2    O  N N 4   
DA  "O5'"  O  N N 5   
DA  "C5'"  C  N N 6   
DA  "C4'"  C  N R 7   
DA  "O4'"  O  N N 8   
DA  "C3'"  C  N S 9   
DA  "O3'"  O  N N 10  
DA  "C2'"  C  N N 11  
DA  "C1'"  C  N R 12  
DA  N9     N  Y N 13  
DA  C8     C  Y N 14  
DA  N7     N  Y N 15  
DA  C5     C  Y N 16  
DA  C6     C  Y N 17  
DA  N6     N  N N 18  
DA  N1     N  Y N 19  
DA  C2     C  Y N 20  
DA  N3     N  Y N 21  
DA  C4     C  Y N 22  
DA  HOP3   H  N N 23  
DA  HOP2   H  N N 24  
DA  "H5'"  H  N N 25  
DA  "H5''" H  N N 26  
DA  "H4'"  H  N N 27  
DA  "H3'"  H  N N 28  
DA  "HO3'" H  N N 29  
DA  "H2'"  H  N N 30  
DA  "H2''" H  N N 31  
DA  "H1'"  H  N N 32  
DA  H8     H  N N 33  
DA  H61    H  N N 34  
DA  H62    H  N N 35  
DA  H2     H  N N 36  
DC  OP3    O  N N 37  
DC  P      P  N N 38  
DC  OP1    O  N N 39  
DC  OP2    O  N N 40  
DC  "O5'"  O  N N 41  
DC  "C5'"  C  N N 42  
DC  "C4'"  C  N R 43  
DC  "O4'"  O  N N 44  
DC  "C3'"  C  N S 45  
DC  "O3'"  O  N N 46  
DC  "C2'"  C  N N 47  
DC  "C1'"  C  N R 48  
DC  N1     N  N N 49  
DC  C2     C  N N 50  
DC  O2     O  N N 51  
DC  N3     N  N N 52  
DC  C4     C  N N 53  
DC  N4     N  N N 54  
DC  C5     C  N N 55  
DC  C6     C  N N 56  
DC  HOP3   H  N N 57  
DC  HOP2   H  N N 58  
DC  "H5'"  H  N N 59  
DC  "H5''" H  N N 60  
DC  "H4'"  H  N N 61  
DC  "H3'"  H  N N 62  
DC  "HO3'" H  N N 63  
DC  "H2'"  H  N N 64  
DC  "H2''" H  N N 65  
DC  "H1'"  H  N N 66  
DC  H41    H  N N 67  
DC  H42    H  N N 68  
DC  H5     H  N N 69  
DC  H6     H  N N 70  
DG  OP3    O  N N 71  
DG  P      P  N N 72  
DG  OP1    O  N N 73  
DG  OP2    O  N N 74  
DG  "O5'"  O  N N 75  
DG  "C5'"  C  N N 76  
DG  "C4'"  C  N R 77  
DG  "O4'"  O  N N 78  
DG  "C3'"  C  N S 79  
DG  "O3'"  O  N N 80  
DG  "C2'"  C  N N 81  
DG  "C1'"  C  N R 82  
DG  N9     N  Y N 83  
DG  C8     C  Y N 84  
DG  N7     N  Y N 85  
DG  C5     C  Y N 86  
DG  C6     C  N N 87  
DG  O6     O  N N 88  
DG  N1     N  N N 89  
DG  C2     C  N N 90  
DG  N2     N  N N 91  
DG  N3     N  N N 92  
DG  C4     C  Y N 93  
DG  HOP3   H  N N 94  
DG  HOP2   H  N N 95  
DG  "H5'"  H  N N 96  
DG  "H5''" H  N N 97  
DG  "H4'"  H  N N 98  
DG  "H3'"  H  N N 99  
DG  "HO3'" H  N N 100 
DG  "H2'"  H  N N 101 
DG  "H2''" H  N N 102 
DG  "H1'"  H  N N 103 
DG  H8     H  N N 104 
DG  H1     H  N N 105 
DG  H21    H  N N 106 
DG  H22    H  N N 107 
DT  OP3    O  N N 108 
DT  P      P  N N 109 
DT  OP1    O  N N 110 
DT  OP2    O  N N 111 
DT  "O5'"  O  N N 112 
DT  "C5'"  C  N N 113 
DT  "C4'"  C  N R 114 
DT  "O4'"  O  N N 115 
DT  "C3'"  C  N S 116 
DT  "O3'"  O  N N 117 
DT  "C2'"  C  N N 118 
DT  "C1'"  C  N R 119 
DT  N1     N  N N 120 
DT  C2     C  N N 121 
DT  O2     O  N N 122 
DT  N3     N  N N 123 
DT  C4     C  N N 124 
DT  O4     O  N N 125 
DT  C5     C  N N 126 
DT  C7     C  N N 127 
DT  C6     C  N N 128 
DT  HOP3   H  N N 129 
DT  HOP2   H  N N 130 
DT  "H5'"  H  N N 131 
DT  "H5''" H  N N 132 
DT  "H4'"  H  N N 133 
DT  "H3'"  H  N N 134 
DT  "HO3'" H  N N 135 
DT  "H2'"  H  N N 136 
DT  "H2''" H  N N 137 
DT  "H1'"  H  N N 138 
DT  H3     H  N N 139 
DT  H71    H  N N 140 
DT  H72    H  N N 141 
DT  H73    H  N N 142 
DT  H6     H  N N 143 
HOH O      O  N N 144 
HOH H1     H  N N 145 
HOH H2     H  N N 146 
MG  MG     MG N N 147 
# 
loop_
_chem_comp_bond.comp_id 
_chem_comp_bond.atom_id_1 
_chem_comp_bond.atom_id_2 
_chem_comp_bond.value_order 
_chem_comp_bond.pdbx_aromatic_flag 
_chem_comp_bond.pdbx_stereo_config 
_chem_comp_bond.pdbx_ordinal 
DA  OP3   P      sing N N 1   
DA  OP3   HOP3   sing N N 2   
DA  P     OP1    doub N N 3   
DA  P     OP2    sing N N 4   
DA  P     "O5'"  sing N N 5   
DA  OP2   HOP2   sing N N 6   
DA  "O5'" "C5'"  sing N N 7   
DA  "C5'" "C4'"  sing N N 8   
DA  "C5'" "H5'"  sing N N 9   
DA  "C5'" "H5''" sing N N 10  
DA  "C4'" "O4'"  sing N N 11  
DA  "C4'" "C3'"  sing N N 12  
DA  "C4'" "H4'"  sing N N 13  
DA  "O4'" "C1'"  sing N N 14  
DA  "C3'" "O3'"  sing N N 15  
DA  "C3'" "C2'"  sing N N 16  
DA  "C3'" "H3'"  sing N N 17  
DA  "O3'" "HO3'" sing N N 18  
DA  "C2'" "C1'"  sing N N 19  
DA  "C2'" "H2'"  sing N N 20  
DA  "C2'" "H2''" sing N N 21  
DA  "C1'" N9     sing N N 22  
DA  "C1'" "H1'"  sing N N 23  
DA  N9    C8     sing Y N 24  
DA  N9    C4     sing Y N 25  
DA  C8    N7     doub Y N 26  
DA  C8    H8     sing N N 27  
DA  N7    C5     sing Y N 28  
DA  C5    C6     sing Y N 29  
DA  C5    C4     doub Y N 30  
DA  C6    N6     sing N N 31  
DA  C6    N1     doub Y N 32  
DA  N6    H61    sing N N 33  
DA  N6    H62    sing N N 34  
DA  N1    C2     sing Y N 35  
DA  C2    N3     doub Y N 36  
DA  C2    H2     sing N N 37  
DA  N3    C4     sing Y N 38  
DC  OP3   P      sing N N 39  
DC  OP3   HOP3   sing N N 40  
DC  P     OP1    doub N N 41  
DC  P     OP2    sing N N 42  
DC  P     "O5'"  sing N N 43  
DC  OP2   HOP2   sing N N 44  
DC  "O5'" "C5'"  sing N N 45  
DC  "C5'" "C4'"  sing N N 46  
DC  "C5'" "H5'"  sing N N 47  
DC  "C5'" "H5''" sing N N 48  
DC  "C4'" "O4'"  sing N N 49  
DC  "C4'" "C3'"  sing N N 50  
DC  "C4'" "H4'"  sing N N 51  
DC  "O4'" "C1'"  sing N N 52  
DC  "C3'" "O3'"  sing N N 53  
DC  "C3'" "C2'"  sing N N 54  
DC  "C3'" "H3'"  sing N N 55  
DC  "O3'" "HO3'" sing N N 56  
DC  "C2'" "C1'"  sing N N 57  
DC  "C2'" "H2'"  sing N N 58  
DC  "C2'" "H2''" sing N N 59  
DC  "C1'" N1     sing N N 60  
DC  "C1'" "H1'"  sing N N 61  
DC  N1    C2     sing N N 62  
DC  N1    C6     sing N N 63  
DC  C2    O2     doub N N 64  
DC  C2    N3     sing N N 65  
DC  N3    C4     doub N N 66  
DC  C4    N4     sing N N 67  
DC  C4    C5     sing N N 68  
DC  N4    H41    sing N N 69  
DC  N4    H42    sing N N 70  
DC  C5    C6     doub N N 71  
DC  C5    H5     sing N N 72  
DC  C6    H6     sing N N 73  
DG  OP3   P      sing N N 74  
DG  OP3   HOP3   sing N N 75  
DG  P     OP1    doub N N 76  
DG  P     OP2    sing N N 77  
DG  P     "O5'"  sing N N 78  
DG  OP2   HOP2   sing N N 79  
DG  "O5'" "C5'"  sing N N 80  
DG  "C5'" "C4'"  sing N N 81  
DG  "C5'" "H5'"  sing N N 82  
DG  "C5'" "H5''" sing N N 83  
DG  "C4'" "O4'"  sing N N 84  
DG  "C4'" "C3'"  sing N N 85  
DG  "C4'" "H4'"  sing N N 86  
DG  "O4'" "C1'"  sing N N 87  
DG  "C3'" "O3'"  sing N N 88  
DG  "C3'" "C2'"  sing N N 89  
DG  "C3'" "H3'"  sing N N 90  
DG  "O3'" "HO3'" sing N N 91  
DG  "C2'" "C1'"  sing N N 92  
DG  "C2'" "H2'"  sing N N 93  
DG  "C2'" "H2''" sing N N 94  
DG  "C1'" N9     sing N N 95  
DG  "C1'" "H1'"  sing N N 96  
DG  N9    C8     sing Y N 97  
DG  N9    C4     sing Y N 98  
DG  C8    N7     doub Y N 99  
DG  C8    H8     sing N N 100 
DG  N7    C5     sing Y N 101 
DG  C5    C6     sing N N 102 
DG  C5    C4     doub Y N 103 
DG  C6    O6     doub N N 104 
DG  C6    N1     sing N N 105 
DG  N1    C2     sing N N 106 
DG  N1    H1     sing N N 107 
DG  C2    N2     sing N N 108 
DG  C2    N3     doub N N 109 
DG  N2    H21    sing N N 110 
DG  N2    H22    sing N N 111 
DG  N3    C4     sing N N 112 
DT  OP3   P      sing N N 113 
DT  OP3   HOP3   sing N N 114 
DT  P     OP1    doub N N 115 
DT  P     OP2    sing N N 116 
DT  P     "O5'"  sing N N 117 
DT  OP2   HOP2   sing N N 118 
DT  "O5'" "C5'"  sing N N 119 
DT  "C5'" "C4'"  sing N N 120 
DT  "C5'" "H5'"  sing N N 121 
DT  "C5'" "H5''" sing N N 122 
DT  "C4'" "O4'"  sing N N 123 
DT  "C4'" "C3'"  sing N N 124 
DT  "C4'" "H4'"  sing N N 125 
DT  "O4'" "C1'"  sing N N 126 
DT  "C3'" "O3'"  sing N N 127 
DT  "C3'" "C2'"  sing N N 128 
DT  "C3'" "H3'"  sing N N 129 
DT  "O3'" "HO3'" sing N N 130 
DT  "C2'" "C1'"  sing N N 131 
DT  "C2'" "H2'"  sing N N 132 
DT  "C2'" "H2''" sing N N 133 
DT  "C1'" N1     sing N N 134 
DT  "C1'" "H1'"  sing N N 135 
DT  N1    C2     sing N N 136 
DT  N1    C6     sing N N 137 
DT  C2    O2     doub N N 138 
DT  C2    N3     sing N N 139 
DT  N3    C4     sing N N 140 
DT  N3    H3     sing N N 141 
DT  C4    O4     doub N N 142 
DT  C4    C5     sing N N 143 
DT  C5    C7     sing N N 144 
DT  C5    C6     doub N N 145 
DT  C7    H71    sing N N 146 
DT  C7    H72    sing N N 147 
DT  C7    H73    sing N N 148 
DT  C6    H6     sing N N 149 
HOH O     H1     sing N N 150 
HOH O     H2     sing N N 151 
# 
loop_
_ndb_struct_conf_na.entry_id 
_ndb_struct_conf_na.feature 
5BZ9 'double helix'         
5BZ9 'b-form double helix'  
5BZ9 'mismatched base pair' 
# 
loop_
_ndb_struct_na_base_pair.model_number 
_ndb_struct_na_base_pair.i_label_asym_id 
_ndb_struct_na_base_pair.i_label_comp_id 
_ndb_struct_na_base_pair.i_label_seq_id 
_ndb_struct_na_base_pair.i_symmetry 
_ndb_struct_na_base_pair.j_label_asym_id 
_ndb_struct_na_base_pair.j_label_comp_id 
_ndb_struct_na_base_pair.j_label_seq_id 
_ndb_struct_na_base_pair.j_symmetry 
_ndb_struct_na_base_pair.shear 
_ndb_struct_na_base_pair.stretch 
_ndb_struct_na_base_pair.stagger 
_ndb_struct_na_base_pair.buckle 
_ndb_struct_na_base_pair.propeller 
_ndb_struct_na_base_pair.opening 
_ndb_struct_na_base_pair.pair_number 
_ndb_struct_na_base_pair.pair_name 
_ndb_struct_na_base_pair.i_auth_asym_id 
_ndb_struct_na_base_pair.i_auth_seq_id 
_ndb_struct_na_base_pair.i_PDB_ins_code 
_ndb_struct_na_base_pair.j_auth_asym_id 
_ndb_struct_na_base_pair.j_auth_seq_id 
_ndb_struct_na_base_pair.j_PDB_ins_code 
_ndb_struct_na_base_pair.hbond_type_28 
_ndb_struct_na_base_pair.hbond_type_12 
1 A DG 1  1_555 A DG 11 6_767 5.777  -0.620 0.034  28.694  5.491   -107.964 1  A_DG1:DG11_A A 1  ? A 11 ? 7  4 
1 A DG 1  1_555 A DG 11 1_555 5.777  -0.620 0.034  28.694  5.491   -107.964 2  A_DG1:DG11_A A 1  ? A 11 ? 7  4 
1 A DA 3  1_555 A DG 10 6_767 -6.627 -4.287 0.317  -26.273 -4.841  2.238    3  A_DA3:DG10_A A 3  ? A 10 ? 11 9 
1 A DA 4  1_555 A DT 9  6_767 0.066  0.068  -0.435 -1.505  0.705   1.421    4  A_DA4:DT9_A  A 4  ? A 9  ? 20 1 
1 A DA 5  1_555 A DT 8  6_767 -0.265 0.092  0.040  14.262  -19.663 3.303    5  A_DA5:DT8_A  A 5  ? A 8  ? 20 1 
1 A DC 6  1_555 A DG 7  6_767 0.515  0.001  -0.060 14.140  -26.056 7.590    6  A_DC6:DG7_A  A 6  ? A 7  ? 19 1 
1 A DG 7  1_555 A DC 6  6_767 -0.515 0.001  -0.060 -14.140 -26.056 7.590    7  A_DG7:DC6_A  A 7  ? A 6  ? 19 1 
1 A DT 8  1_555 A DA 5  6_767 0.265  0.092  0.040  -14.262 -19.663 3.303    8  A_DT8:DA5_A  A 8  ? A 5  ? 20 1 
1 A DT 9  1_555 A DA 4  6_767 -0.066 0.068  -0.435 1.505   0.705   1.421    9  A_DT9:DA4_A  A 9  ? A 4  ? 20 1 
1 A DG 10 1_555 A DA 3  6_767 6.627  -4.287 0.317  26.273  -4.841  2.238    10 A_DG10:DA3_A A 10 ? A 3  ? 11 9 
# 
loop_
_ndb_struct_na_base_pair_step.model_number 
_ndb_struct_na_base_pair_step.i_label_asym_id_1 
_ndb_struct_na_base_pair_step.i_label_comp_id_1 
_ndb_struct_na_base_pair_step.i_label_seq_id_1 
_ndb_struct_na_base_pair_step.i_symmetry_1 
_ndb_struct_na_base_pair_step.j_label_asym_id_1 
_ndb_struct_na_base_pair_step.j_label_comp_id_1 
_ndb_struct_na_base_pair_step.j_label_seq_id_1 
_ndb_struct_na_base_pair_step.j_symmetry_1 
_ndb_struct_na_base_pair_step.i_label_asym_id_2 
_ndb_struct_na_base_pair_step.i_label_comp_id_2 
_ndb_struct_na_base_pair_step.i_label_seq_id_2 
_ndb_struct_na_base_pair_step.i_symmetry_2 
_ndb_struct_na_base_pair_step.j_label_asym_id_2 
_ndb_struct_na_base_pair_step.j_label_comp_id_2 
_ndb_struct_na_base_pair_step.j_label_seq_id_2 
_ndb_struct_na_base_pair_step.j_symmetry_2 
_ndb_struct_na_base_pair_step.shift 
_ndb_struct_na_base_pair_step.slide 
_ndb_struct_na_base_pair_step.rise 
_ndb_struct_na_base_pair_step.tilt 
_ndb_struct_na_base_pair_step.roll 
_ndb_struct_na_base_pair_step.twist 
_ndb_struct_na_base_pair_step.x_displacement 
_ndb_struct_na_base_pair_step.y_displacement 
_ndb_struct_na_base_pair_step.helical_rise 
_ndb_struct_na_base_pair_step.inclination 
_ndb_struct_na_base_pair_step.tip 
_ndb_struct_na_base_pair_step.helical_twist 
_ndb_struct_na_base_pair_step.step_number 
_ndb_struct_na_base_pair_step.step_name 
_ndb_struct_na_base_pair_step.i_auth_asym_id_1 
_ndb_struct_na_base_pair_step.i_auth_seq_id_1 
_ndb_struct_na_base_pair_step.i_PDB_ins_code_1 
_ndb_struct_na_base_pair_step.j_auth_asym_id_1 
_ndb_struct_na_base_pair_step.j_auth_seq_id_1 
_ndb_struct_na_base_pair_step.j_PDB_ins_code_1 
_ndb_struct_na_base_pair_step.i_auth_asym_id_2 
_ndb_struct_na_base_pair_step.i_auth_seq_id_2 
_ndb_struct_na_base_pair_step.i_PDB_ins_code_2 
_ndb_struct_na_base_pair_step.j_auth_asym_id_2 
_ndb_struct_na_base_pair_step.j_auth_seq_id_2 
_ndb_struct_na_base_pair_step.j_PDB_ins_code_2 
1 A DA 3 1_555 A DG 10 6_767 A DA 4  1_555 A DT 9 6_767 -0.828 1.800  2.980 -0.148 6.428  59.505 1.505  0.823  3.143 6.456  0.148  
59.819 1 AA_DA3DA4:DT9DG10_AA A 3 ? A 10 ? A 4  ? A 9 ? 
1 A DA 4 1_555 A DT 9  6_767 A DA 5  1_555 A DT 8 6_767 -0.721 0.208  2.896 -4.634 2.982  30.001 -0.142 0.535  2.977 5.700  8.858  
30.492 2 AA_DA4DA5:DT8DT9_AA  A 4 ? A 9  ? A 5  ? A 8 ? 
1 A DA 5 1_555 A DT 8  6_767 A DC 6  1_555 A DG 7 6_767 0.701  -0.286 3.318 -0.730 -1.011 37.366 -0.312 -1.191 3.310 -1.577 1.139  
37.386 3 AA_DA5DC6:DG7DT8_AA  A 5 ? A 8  ? A 6  ? A 7 ? 
1 A DC 6 1_555 A DG 7  6_767 A DG 7  1_555 A DC 6 6_767 0.000  -0.073 3.890 0.000  8.819  37.216 -1.432 0.000  3.776 13.586 0.000  
38.210 4 AA_DC6DG7:DC6DG7_AA  A 6 ? A 7  ? A 7  ? A 6 ? 
1 A DG 7 1_555 A DC 6  6_767 A DT 8  1_555 A DA 5 6_767 -0.701 -0.286 3.318 0.730  -1.011 37.366 -0.312 1.191  3.310 -1.577 -1.139 
37.386 5 AA_DG7DT8:DA5DC6_AA  A 7 ? A 6  ? A 8  ? A 5 ? 
1 A DT 8 1_555 A DA 5  6_767 A DT 9  1_555 A DA 4 6_767 0.721  0.208  2.896 4.634  2.982  30.001 -0.142 -0.535 2.977 5.700  -8.858 
30.492 6 AA_DT8DT9:DA4DA5_AA  A 8 ? A 5  ? A 9  ? A 4 ? 
1 A DT 9 1_555 A DA 4  6_767 A DG 10 1_555 A DA 3 6_767 0.828  1.800  2.980 0.148  6.428  59.505 1.505  -0.823 3.143 6.456  -0.148 
59.819 7 AA_DT9DG10:DA3DA4_AA A 9 ? A 4  ? A 10 ? A 3 ? 
# 
_pdbx_audit_support.funding_organization   'National Science Foundation (NSF, United States)' 
_pdbx_audit_support.country                'United States' 
_pdbx_audit_support.grant_number           ? 
_pdbx_audit_support.ordinal                1 
# 
loop_
_pdbx_entity_nonpoly.entity_id 
_pdbx_entity_nonpoly.name 
_pdbx_entity_nonpoly.comp_id 
2 'MAGNESIUM ION' MG  
3 water           HOH 
# 
_pdbx_initial_refinement_model.id               1 
_pdbx_initial_refinement_model.entity_id_list   ? 
_pdbx_initial_refinement_model.type             'experimental model' 
_pdbx_initial_refinement_model.source_name      PDB 
_pdbx_initial_refinement_model.accession_code   5BXW 
_pdbx_initial_refinement_model.details          ? 
# 
